data_6ONN
#
_entry.id   6ONN
#
_cell.length_a   78.700
_cell.length_b   92.580
_cell.length_c   125.560
_cell.angle_alpha   90.000
_cell.angle_beta   90.000
_cell.angle_gamma   90.000
#
_symmetry.space_group_name_H-M   'P 21 21 21'
#
loop_
_entity.id
_entity.type
_entity.pdbx_description
1 polymer '8-amino-7-oxononanoate synthase'
2 water water
#
_entity_poly.entity_id   1
_entity_poly.type   'polypeptide(L)'
_entity_poly.pdbx_seq_one_letter_code
;MAHHHHHHMQLLDTLEQGLKEIDARGLRRRRRTVDSPCSAHMTVDGRNMIGFASNDYLGLAAHPLLVAAITEGARRYGAG
SGGSHLLGGHSRAHAQLEDDLAEFAGGFVDNPRALYFSTGYMANLATLTALAGRGTTLFSDSLNHASLIDGARLSRADIQ
IYPHADAEALGAMLEASDAAVKLIVSDTVFSMDGDIAPLARLLELAEHHGAWLVVDDAHGFGVLGPQGRGAVAEAALRSP
HLIVVGTLGKAAGVSGAFVVAHETVIEWLVQRARPYIFTTASVPSAAHAVSASLRIIGGDEGEHRRAHLRSLIALTRDML
KSTPWLPVDSHTAVQPLIIGSNEATLDVAASLDRANLWVPAIRPPTVPEGTSRLRISLSAAHSHNDLEQLEHALMKTAEA
RA
;
_entity_poly.pdbx_strand_id   A,B
#
# COMPACT_ATOMS: atom_id res chain seq x y z
N HIS A 7 -5.54 19.85 28.10
CA HIS A 7 -6.58 19.14 27.36
C HIS A 7 -7.31 18.19 28.30
N HIS A 8 -8.64 18.08 28.12
CA HIS A 8 -9.37 17.03 28.82
C HIS A 8 -8.91 15.65 28.37
N MET A 9 -8.53 15.51 27.10
CA MET A 9 -7.83 14.33 26.59
C MET A 9 -6.36 14.53 26.95
N GLN A 10 -5.98 14.04 28.14
CA GLN A 10 -4.60 14.21 28.62
C GLN A 10 -3.56 13.60 27.67
N LEU A 11 -3.95 12.62 26.86
CA LEU A 11 -2.98 12.06 25.92
C LEU A 11 -2.53 13.09 24.89
N LEU A 12 -3.38 14.08 24.57
CA LEU A 12 -2.96 15.16 23.67
C LEU A 12 -1.85 16.00 24.28
N ASP A 13 -1.92 16.26 25.59
CA ASP A 13 -0.85 16.95 26.26
C ASP A 13 0.46 16.17 26.14
N THR A 14 0.38 14.84 26.23
CA THR A 14 1.58 14.01 26.09
C THR A 14 2.19 14.16 24.70
N LEU A 15 1.34 14.12 23.66
CA LEU A 15 1.83 14.32 22.31
C LEU A 15 2.41 15.72 22.13
N GLU A 16 1.76 16.74 22.67
CA GLU A 16 2.25 18.10 22.50
C GLU A 16 3.63 18.28 23.14
N GLN A 17 3.82 17.70 24.33
CA GLN A 17 5.13 17.74 24.97
CA GLN A 17 5.13 17.77 24.95
C GLN A 17 6.16 16.92 24.21
N GLY A 18 5.73 15.79 23.63
CA GLY A 18 6.64 14.98 22.84
C GLY A 18 7.05 15.66 21.54
N LEU A 19 6.13 16.42 20.93
CA LEU A 19 6.48 17.20 19.76
C LEU A 19 7.44 18.34 20.13
N LYS A 20 7.20 18.98 21.29
CA LYS A 20 8.08 20.03 21.76
C LYS A 20 9.49 19.50 21.98
N GLU A 21 9.61 18.28 22.51
CA GLU A 21 10.94 17.69 22.69
C GLU A 21 11.64 17.46 21.36
N ILE A 22 10.90 16.98 20.36
CA ILE A 22 11.48 16.77 19.02
C ILE A 22 11.92 18.10 18.44
N ASP A 23 11.11 19.15 18.63
CA ASP A 23 11.48 20.50 18.19
C ASP A 23 12.76 20.98 18.88
N ALA A 24 12.78 20.92 20.21
CA ALA A 24 13.96 21.34 20.97
C ALA A 24 15.21 20.65 20.45
N ARG A 25 15.14 19.35 20.21
CA ARG A 25 16.29 18.62 19.70
C ARG A 25 16.57 18.90 18.23
N GLY A 26 15.67 19.60 17.54
CA GLY A 26 15.92 19.98 16.16
C GLY A 26 15.68 18.89 15.14
N LEU A 27 14.88 17.88 15.49
CA LEU A 27 14.64 16.73 14.62
C LEU A 27 13.25 16.73 14.01
N ARG A 28 12.54 17.85 14.05
CA ARG A 28 11.21 17.90 13.46
C ARG A 28 11.31 17.66 11.95
N ARG A 29 10.55 16.67 11.47
CA ARG A 29 10.53 16.32 10.05
C ARG A 29 9.45 17.16 9.37
N ARG A 30 9.74 17.57 8.13
CA ARG A 30 8.78 18.33 7.33
C ARG A 30 8.59 17.66 5.98
N ARG A 31 7.33 17.57 5.55
CA ARG A 31 7.06 17.14 4.18
C ARG A 31 7.05 18.37 3.29
N ARG A 32 7.68 18.24 2.14
CA ARG A 32 7.67 19.30 1.16
C ARG A 32 6.52 19.08 0.20
N THR A 33 5.94 20.16 -0.30
CA THR A 33 4.85 20.03 -1.26
C THR A 33 5.36 20.44 -2.63
N VAL A 34 5.17 19.55 -3.60
CA VAL A 34 5.68 19.74 -4.95
C VAL A 34 4.53 20.21 -5.84
N ASP A 35 4.65 21.43 -6.39
CA ASP A 35 3.59 22.01 -7.20
C ASP A 35 3.66 21.62 -8.66
N SER A 36 4.78 21.08 -9.11
CA SER A 36 5.03 20.72 -10.49
C SER A 36 5.10 19.21 -10.61
N PRO A 37 5.23 18.64 -11.82
CA PRO A 37 5.53 17.21 -11.92
C PRO A 37 6.88 16.90 -11.29
N CYS A 38 7.05 15.65 -10.89
CA CYS A 38 8.31 15.22 -10.31
C CYS A 38 9.38 15.21 -11.41
N SER A 39 10.49 15.91 -11.20
CA SER A 39 11.61 15.90 -12.15
C SER A 39 12.83 16.50 -11.47
N ALA A 40 13.92 16.69 -12.22
CA ALA A 40 15.13 17.28 -11.66
C ALA A 40 14.87 18.71 -11.18
N HIS A 41 14.13 19.47 -11.96
CA HIS A 41 13.74 20.82 -11.59
C HIS A 41 12.27 20.81 -11.21
N MET A 42 11.96 21.41 -10.07
CA MET A 42 10.60 21.39 -9.54
C MET A 42 10.28 22.67 -8.80
N THR A 43 8.98 22.94 -8.66
CA THR A 43 8.49 23.93 -7.72
C THR A 43 8.21 23.21 -6.40
N VAL A 44 8.94 23.56 -5.36
CA VAL A 44 8.90 22.87 -4.07
C VAL A 44 8.59 23.92 -3.03
N ASP A 45 7.44 23.78 -2.36
CA ASP A 45 6.97 24.77 -1.39
C ASP A 45 7.03 26.17 -1.98
N GLY A 46 6.58 26.30 -3.23
CA GLY A 46 6.54 27.56 -3.93
C GLY A 46 7.86 28.07 -4.48
N ARG A 47 8.95 27.33 -4.33
CA ARG A 47 10.28 27.75 -4.77
C ARG A 47 10.79 26.88 -5.90
N ASN A 48 11.46 27.50 -6.85
CA ASN A 48 12.15 26.72 -7.88
C ASN A 48 13.40 26.10 -7.30
N MET A 49 13.48 24.77 -7.36
CA MET A 49 14.60 24.04 -6.77
C MET A 49 15.09 22.97 -7.73
N ILE A 50 16.34 22.51 -7.50
CA ILE A 50 16.85 21.29 -8.10
C ILE A 50 16.77 20.21 -7.04
N GLY A 51 16.07 19.12 -7.35
CA GLY A 51 15.83 18.06 -6.39
C GLY A 51 16.77 16.88 -6.63
N PHE A 52 17.35 16.37 -5.54
CA PHE A 52 18.09 15.10 -5.51
C PHE A 52 17.46 14.15 -4.49
N ALA A 53 16.13 14.19 -4.39
CA ALA A 53 15.42 13.53 -3.30
C ALA A 53 14.55 12.36 -3.75
N SER A 54 14.34 12.17 -5.04
CA SER A 54 13.37 11.18 -5.49
C SER A 54 14.08 9.91 -5.95
N ASN A 55 13.27 8.88 -6.20
CA ASN A 55 13.78 7.66 -6.83
C ASN A 55 13.33 7.55 -8.28
N ASP A 56 13.12 8.70 -8.92
CA ASP A 56 12.70 8.74 -10.33
C ASP A 56 13.93 8.59 -11.23
N TYR A 57 14.57 7.42 -11.13
CA TYR A 57 15.93 7.28 -11.64
C TYR A 57 16.06 7.54 -13.14
N LEU A 58 15.03 7.26 -13.93
CA LEU A 58 15.13 7.45 -15.37
C LEU A 58 14.44 8.73 -15.84
N GLY A 59 13.96 9.55 -14.92
CA GLY A 59 13.25 10.78 -15.31
C GLY A 59 11.93 10.52 -16.00
N LEU A 60 11.24 9.42 -15.68
CA LEU A 60 10.02 9.08 -16.40
C LEU A 60 8.73 9.55 -15.72
N ALA A 61 8.78 9.91 -14.43
CA ALA A 61 7.54 10.25 -13.72
C ALA A 61 6.76 11.36 -14.42
N ALA A 62 7.45 12.28 -15.09
CA ALA A 62 6.80 13.40 -15.74
C ALA A 62 6.63 13.20 -17.25
N HIS A 63 6.89 11.99 -17.75
CA HIS A 63 7.03 11.81 -19.19
C HIS A 63 5.68 11.97 -19.88
N PRO A 64 5.60 12.78 -20.94
CA PRO A 64 4.32 12.95 -21.63
C PRO A 64 3.72 11.66 -22.17
N LEU A 65 4.55 10.67 -22.55
CA LEU A 65 3.99 9.39 -22.98
C LEU A 65 3.23 8.71 -21.86
N LEU A 66 3.70 8.85 -20.63
CA LEU A 66 3.01 8.21 -19.52
C LEU A 66 1.80 9.01 -19.08
N VAL A 67 1.84 10.34 -19.23
CA VAL A 67 0.64 11.14 -19.03
C VAL A 67 -0.45 10.72 -20.02
N ALA A 68 -0.09 10.57 -21.30
CA ALA A 68 -1.06 10.12 -22.30
C ALA A 68 -1.54 8.69 -21.99
N ALA A 69 -0.66 7.84 -21.48
CA ALA A 69 -1.07 6.48 -21.15
C ALA A 69 -2.07 6.46 -20.00
N ILE A 70 -1.84 7.29 -18.99
CA ILE A 70 -2.83 7.40 -17.91
C ILE A 70 -4.15 7.88 -18.47
N THR A 71 -4.09 8.88 -19.34
CA THR A 71 -5.31 9.42 -19.96
C THR A 71 -6.05 8.36 -20.74
N GLU A 72 -5.35 7.68 -21.65
CA GLU A 72 -6.02 6.63 -22.43
CA GLU A 72 -5.99 6.61 -22.44
C GLU A 72 -6.53 5.52 -21.54
N GLY A 73 -5.77 5.17 -20.51
CA GLY A 73 -6.18 4.10 -19.61
C GLY A 73 -7.42 4.45 -18.82
N ALA A 74 -7.52 5.70 -18.35
CA ALA A 74 -8.72 6.10 -17.62
C ALA A 74 -9.93 6.16 -18.54
N ARG A 75 -9.74 6.64 -19.78
CA ARG A 75 -10.86 6.68 -20.69
C ARG A 75 -11.33 5.28 -21.06
N ARG A 76 -10.43 4.29 -21.10
CA ARG A 76 -10.84 2.93 -21.48
C ARG A 76 -11.38 2.15 -20.29
N TYR A 77 -10.75 2.29 -19.13
CA TYR A 77 -11.01 1.39 -18.01
C TYR A 77 -11.68 2.06 -16.82
N GLY A 78 -11.94 3.35 -16.87
CA GLY A 78 -12.55 4.03 -15.75
C GLY A 78 -11.52 4.56 -14.77
N ALA A 79 -12.02 5.15 -13.70
CA ALA A 79 -11.15 5.75 -12.69
C ALA A 79 -10.66 4.76 -11.65
N GLY A 80 -11.56 4.01 -11.03
CA GLY A 80 -11.17 3.13 -9.96
C GLY A 80 -11.40 1.67 -10.29
N SER A 81 -10.73 0.76 -9.57
CA SER A 81 -10.94 -0.66 -9.80
CA SER A 81 -10.94 -0.66 -9.81
C SER A 81 -12.13 -1.24 -9.05
N GLY A 82 -12.61 -0.56 -8.01
N GLY A 82 -12.60 -0.57 -8.01
CA GLY A 82 -13.81 -0.98 -7.30
CA GLY A 82 -13.73 -1.05 -7.24
C GLY A 82 -13.57 -1.78 -6.04
C GLY A 82 -13.37 -2.11 -6.22
N GLY A 89 -10.83 -6.74 -7.85
CA GLY A 89 -11.10 -5.82 -8.94
C GLY A 89 -10.00 -5.85 -9.98
N HIS A 90 -9.88 -6.98 -10.67
CA HIS A 90 -8.72 -7.25 -11.51
C HIS A 90 -9.00 -6.82 -12.95
N SER A 91 -8.52 -5.65 -13.32
CA SER A 91 -8.79 -5.07 -14.63
C SER A 91 -7.97 -5.77 -15.72
N ARG A 92 -8.45 -5.70 -16.97
CA ARG A 92 -7.65 -6.15 -18.10
C ARG A 92 -6.30 -5.43 -18.15
N ALA A 93 -6.27 -4.17 -17.71
CA ALA A 93 -4.99 -3.45 -17.66
C ALA A 93 -4.04 -4.11 -16.67
N HIS A 94 -4.56 -4.57 -15.52
CA HIS A 94 -3.72 -5.30 -14.58
C HIS A 94 -3.26 -6.63 -15.16
N ALA A 95 -4.18 -7.36 -15.80
CA ALA A 95 -3.80 -8.64 -16.38
C ALA A 95 -2.76 -8.46 -17.48
N GLN A 96 -2.94 -7.44 -18.32
CA GLN A 96 -1.96 -7.19 -19.38
C GLN A 96 -0.61 -6.83 -18.79
N LEU A 97 -0.60 -5.99 -17.74
CA LEU A 97 0.66 -5.62 -17.09
C LEU A 97 1.36 -6.84 -16.50
N GLU A 98 0.59 -7.76 -15.90
CA GLU A 98 1.21 -8.98 -15.38
C GLU A 98 1.84 -9.80 -16.51
N ASP A 99 1.16 -9.92 -17.65
CA ASP A 99 1.80 -10.56 -18.80
C ASP A 99 3.06 -9.82 -19.21
N ASP A 100 2.98 -8.50 -19.31
CA ASP A 100 4.12 -7.70 -19.74
C ASP A 100 5.30 -7.87 -18.79
N LEU A 101 5.03 -7.87 -17.49
CA LEU A 101 6.11 -8.00 -16.50
C LEU A 101 6.75 -9.37 -16.52
N ALA A 102 5.93 -10.41 -16.72
CA ALA A 102 6.51 -11.75 -16.80
C ALA A 102 7.48 -11.84 -17.97
N GLU A 103 7.10 -11.28 -19.12
CA GLU A 103 7.98 -11.29 -20.28
C GLU A 103 9.21 -10.42 -20.04
N PHE A 104 9.04 -9.28 -19.36
CA PHE A 104 10.13 -8.32 -19.22
C PHE A 104 11.12 -8.75 -18.15
N ALA A 105 10.61 -9.09 -16.97
CA ALA A 105 11.43 -9.31 -15.78
C ALA A 105 11.54 -10.77 -15.38
N GLY A 106 10.88 -11.68 -16.07
CA GLY A 106 10.89 -13.08 -15.66
C GLY A 106 11.81 -14.00 -16.45
N GLY A 107 12.85 -13.43 -17.07
CA GLY A 107 13.76 -14.23 -17.90
C GLY A 107 14.55 -15.29 -17.16
N PHE A 108 14.56 -15.24 -15.82
CA PHE A 108 15.33 -16.20 -15.04
C PHE A 108 14.64 -17.57 -14.90
N VAL A 109 13.40 -17.73 -15.36
CA VAL A 109 12.71 -19.03 -15.42
C VAL A 109 12.04 -19.14 -16.79
N ASP A 110 11.83 -20.38 -17.25
CA ASP A 110 11.24 -20.51 -18.59
C ASP A 110 9.74 -20.32 -18.58
N ASN A 111 9.09 -20.47 -17.44
CA ASN A 111 7.63 -20.37 -17.33
C ASN A 111 7.25 -19.37 -16.24
N PRO A 112 7.56 -18.09 -16.41
CA PRO A 112 7.26 -17.11 -15.36
C PRO A 112 5.79 -16.69 -15.36
N ARG A 113 5.34 -16.27 -14.19
CA ARG A 113 4.13 -15.45 -14.05
C ARG A 113 4.50 -14.25 -13.20
N ALA A 114 3.68 -13.18 -13.29
CA ALA A 114 3.85 -12.01 -12.45
C ALA A 114 2.51 -11.68 -11.80
N LEU A 115 2.59 -11.09 -10.60
CA LEU A 115 1.42 -10.65 -9.84
C LEU A 115 1.61 -9.19 -9.51
N TYR A 116 0.61 -8.36 -9.81
CA TYR A 116 0.70 -6.95 -9.53
C TYR A 116 0.11 -6.66 -8.15
N PHE A 117 0.80 -5.79 -7.39
CA PHE A 117 0.39 -5.38 -6.06
C PHE A 117 0.37 -3.86 -5.99
N SER A 118 -0.45 -3.34 -5.06
CA SER A 118 -0.56 -1.89 -4.90
C SER A 118 0.76 -1.27 -4.48
N THR A 119 1.51 -1.94 -3.61
CA THR A 119 2.74 -1.38 -3.05
C THR A 119 3.78 -2.48 -2.92
N GLY A 120 5.05 -2.07 -2.94
CA GLY A 120 6.13 -3.01 -2.69
C GLY A 120 6.01 -3.65 -1.33
N TYR A 121 5.54 -2.89 -0.34
CA TYR A 121 5.28 -3.46 0.98
C TYR A 121 4.34 -4.65 0.88
N MET A 122 3.23 -4.50 0.14
CA MET A 122 2.27 -5.59 0.05
C MET A 122 2.82 -6.76 -0.75
N ALA A 123 3.60 -6.48 -1.79
CA ALA A 123 4.18 -7.57 -2.57
C ALA A 123 5.08 -8.44 -1.70
N ASN A 124 5.92 -7.81 -0.86
CA ASN A 124 6.77 -8.56 0.05
C ASN A 124 5.93 -9.30 1.08
N LEU A 125 4.91 -8.63 1.62
CA LEU A 125 4.05 -9.26 2.62
C LEU A 125 3.38 -10.52 2.06
N ALA A 126 2.85 -10.41 0.85
CA ALA A 126 2.22 -11.57 0.20
C ALA A 126 3.23 -12.70 0.04
N THR A 127 4.43 -12.37 -0.43
CA THR A 127 5.43 -13.40 -0.72
C THR A 127 5.86 -14.11 0.56
N LEU A 128 6.19 -13.34 1.61
CA LEU A 128 6.72 -13.94 2.82
C LEU A 128 5.64 -14.64 3.64
N THR A 129 4.41 -14.08 3.70
CA THR A 129 3.38 -14.78 4.45
C THR A 129 2.96 -16.07 3.75
N ALA A 130 3.01 -16.10 2.41
CA ALA A 130 2.66 -17.32 1.68
C ALA A 130 3.71 -18.40 1.83
N LEU A 131 4.99 -18.02 1.75
CA LEU A 131 6.08 -18.98 1.65
C LEU A 131 6.73 -19.29 2.98
N ALA A 132 6.62 -18.40 3.95
CA ALA A 132 7.15 -18.61 5.29
C ALA A 132 6.01 -18.84 6.27
N GLY A 133 6.37 -19.36 7.43
CA GLY A 133 5.40 -19.58 8.48
C GLY A 133 6.11 -20.19 9.66
N ARG A 134 5.33 -20.71 10.60
CA ARG A 134 5.95 -21.46 11.68
C ARG A 134 6.74 -22.62 11.09
N GLY A 135 7.92 -22.87 11.65
CA GLY A 135 8.80 -23.91 11.14
C GLY A 135 9.71 -23.46 10.02
N THR A 136 9.47 -22.29 9.45
CA THR A 136 10.31 -21.72 8.41
C THR A 136 11.40 -20.91 9.07
N THR A 137 12.60 -20.95 8.49
CA THR A 137 13.63 -20.02 8.87
C THR A 137 13.93 -19.09 7.71
N LEU A 138 13.91 -17.80 8.01
CA LEU A 138 14.14 -16.75 7.04
C LEU A 138 15.50 -16.13 7.36
N PHE A 139 16.41 -16.13 6.38
CA PHE A 139 17.76 -15.59 6.54
C PHE A 139 17.79 -14.25 5.83
N SER A 140 18.03 -13.17 6.57
CA SER A 140 17.81 -11.80 6.09
C SER A 140 19.09 -10.99 6.17
N ASP A 141 19.46 -10.33 5.06
CA ASP A 141 20.63 -9.43 5.03
C ASP A 141 20.47 -8.34 6.09
N SER A 142 21.55 -8.09 6.86
CA SER A 142 21.45 -7.17 7.99
C SER A 142 21.10 -5.75 7.59
N LEU A 143 21.32 -5.36 6.33
CA LEU A 143 21.01 -4.02 5.87
C LEU A 143 19.76 -3.96 5.00
N ASN A 144 18.98 -5.04 4.96
CA ASN A 144 17.70 -4.98 4.23
C ASN A 144 16.87 -3.80 4.71
N HIS A 145 16.13 -3.21 3.79
CA HIS A 145 15.32 -2.06 4.17
C HIS A 145 14.28 -2.47 5.22
N ALA A 146 13.93 -1.51 6.08
CA ALA A 146 13.25 -1.81 7.33
C ALA A 146 11.94 -2.56 7.10
N SER A 147 11.14 -2.13 6.13
CA SER A 147 9.83 -2.75 5.97
C SER A 147 9.93 -4.19 5.47
N LEU A 148 11.04 -4.59 4.85
CA LEU A 148 11.23 -6.00 4.55
C LEU A 148 11.22 -6.80 5.84
N ILE A 149 11.79 -6.23 6.91
CA ILE A 149 11.90 -6.95 8.18
C ILE A 149 10.54 -7.18 8.81
N ASP A 150 9.67 -6.15 8.81
CA ASP A 150 8.33 -6.26 9.39
CA ASP A 150 8.41 -6.41 9.48
C ASP A 150 7.48 -7.30 8.66
N GLY A 151 7.72 -7.50 7.38
CA GLY A 151 6.96 -8.51 6.67
C GLY A 151 7.27 -9.91 7.17
N ALA A 152 8.52 -10.14 7.59
CA ALA A 152 8.92 -11.44 8.12
C ALA A 152 8.31 -11.69 9.49
N ARG A 153 8.18 -10.64 10.30
CA ARG A 153 7.65 -10.80 11.66
C ARG A 153 6.22 -11.32 11.64
N LEU A 154 5.39 -10.79 10.74
CA LEU A 154 4.00 -11.23 10.65
C LEU A 154 3.92 -12.67 10.17
N SER A 155 4.80 -13.05 9.25
CA SER A 155 4.85 -14.40 8.73
C SER A 155 5.07 -15.43 9.83
N ARG A 156 5.63 -15.01 10.97
CA ARG A 156 5.86 -15.80 12.19
C ARG A 156 7.05 -16.76 12.03
N ALA A 157 7.81 -16.64 10.96
CA ALA A 157 8.98 -17.48 10.76
C ALA A 157 10.08 -17.16 11.76
N ASP A 158 10.98 -18.11 11.94
CA ASP A 158 12.21 -17.86 12.68
CA ASP A 158 12.21 -17.87 12.68
C ASP A 158 13.13 -17.01 11.81
N ILE A 159 13.56 -15.87 12.33
CA ILE A 159 14.35 -14.92 11.56
C ILE A 159 15.80 -14.99 12.02
N GLN A 160 16.69 -15.20 11.06
CA GLN A 160 18.12 -15.20 11.33
C GLN A 160 18.75 -14.15 10.44
N ILE A 161 19.47 -13.21 11.04
CA ILE A 161 20.07 -12.11 10.30
CA ILE A 161 20.08 -12.10 10.31
C ILE A 161 21.47 -12.51 9.90
N TYR A 162 21.82 -12.29 8.59
CA TYR A 162 23.23 -12.55 8.28
C TYR A 162 23.97 -11.24 8.01
N PRO A 163 25.27 -11.19 8.31
CA PRO A 163 26.01 -9.92 8.13
C PRO A 163 25.95 -9.49 6.69
N HIS A 164 25.83 -8.17 6.48
CA HIS A 164 25.49 -7.62 5.18
C HIS A 164 26.39 -8.19 4.09
N ALA A 165 25.75 -8.71 3.04
CA ALA A 165 26.40 -9.17 1.80
C ALA A 165 27.43 -10.26 2.03
N ASP A 166 27.41 -10.93 3.18
CA ASP A 166 28.45 -11.90 3.53
C ASP A 166 27.94 -13.31 3.22
N ALA A 167 28.20 -13.77 2.00
CA ALA A 167 27.71 -15.08 1.59
C ALA A 167 28.35 -16.20 2.39
N GLU A 168 29.61 -16.05 2.81
CA GLU A 168 30.24 -17.14 3.56
C GLU A 168 29.61 -17.28 4.94
N ALA A 169 29.30 -16.16 5.60
CA ALA A 169 28.60 -16.23 6.89
C ALA A 169 27.23 -16.84 6.72
N LEU A 170 26.50 -16.42 5.69
CA LEU A 170 25.18 -17.00 5.44
C LEU A 170 25.27 -18.50 5.18
N GLY A 171 26.28 -18.92 4.41
CA GLY A 171 26.43 -20.35 4.15
C GLY A 171 26.57 -21.17 5.42
N ALA A 172 27.32 -20.65 6.38
CA ALA A 172 27.49 -21.38 7.65
C ALA A 172 26.17 -21.46 8.41
N MET A 173 25.37 -20.39 8.35
CA MET A 173 24.06 -20.38 8.98
C MET A 173 23.10 -21.37 8.30
N LEU A 174 23.11 -21.40 6.96
CA LEU A 174 22.28 -22.37 6.26
C LEU A 174 22.69 -23.80 6.61
N GLU A 175 24.00 -24.05 6.66
CA GLU A 175 24.48 -25.38 6.98
C GLU A 175 24.04 -25.81 8.38
N ALA A 176 24.09 -24.89 9.35
CA ALA A 176 23.74 -25.23 10.72
C ALA A 176 22.25 -25.39 10.94
N SER A 177 21.41 -24.88 10.03
CA SER A 177 19.97 -24.93 10.17
C SER A 177 19.40 -26.23 9.62
N ASP A 178 18.47 -26.82 10.36
CA ASP A 178 17.75 -28.01 9.93
C ASP A 178 16.30 -27.71 9.54
N ALA A 179 15.97 -26.44 9.31
CA ALA A 179 14.62 -26.08 8.93
C ALA A 179 14.23 -26.75 7.62
N ALA A 180 12.99 -27.24 7.58
CA ALA A 180 12.47 -27.86 6.37
C ALA A 180 12.33 -26.86 5.23
N VAL A 181 11.92 -25.64 5.56
CA VAL A 181 11.76 -24.56 4.58
C VAL A 181 12.70 -23.43 4.97
N LYS A 182 13.59 -23.06 4.04
CA LYS A 182 14.52 -21.95 4.21
C LYS A 182 14.27 -20.89 3.15
N LEU A 183 14.28 -19.62 3.56
CA LEU A 183 14.18 -18.51 2.63
C LEU A 183 15.36 -17.57 2.87
N ILE A 184 16.05 -17.20 1.79
CA ILE A 184 17.05 -16.13 1.84
C ILE A 184 16.40 -14.88 1.27
N VAL A 185 16.49 -13.77 2.00
CA VAL A 185 15.79 -12.56 1.60
C VAL A 185 16.80 -11.41 1.55
N SER A 186 16.90 -10.76 0.40
CA SER A 186 17.85 -9.65 0.26
C SER A 186 17.32 -8.61 -0.73
N ASP A 187 17.54 -7.34 -0.40
CA ASP A 187 17.49 -6.30 -1.41
C ASP A 187 18.52 -6.59 -2.49
N THR A 188 18.23 -6.18 -3.74
CA THR A 188 19.29 -6.27 -4.74
C THR A 188 20.22 -5.05 -4.69
N VAL A 189 19.64 -3.86 -4.62
CA VAL A 189 20.38 -2.62 -4.44
C VAL A 189 19.96 -2.07 -3.09
N PHE A 190 20.92 -1.74 -2.25
CA PHE A 190 20.61 -1.29 -0.89
C PHE A 190 20.39 0.22 -0.89
N SER A 191 19.19 0.64 -0.48
CA SER A 191 18.72 1.99 -0.83
C SER A 191 19.47 3.10 -0.10
N MET A 192 20.10 2.83 1.03
CA MET A 192 20.84 3.89 1.73
C MET A 192 22.32 3.87 1.45
N ASP A 193 22.82 2.88 0.71
CA ASP A 193 24.24 2.72 0.49
C ASP A 193 24.62 2.58 -0.97
N GLY A 194 23.71 2.13 -1.85
CA GLY A 194 23.96 2.03 -3.26
C GLY A 194 24.69 0.80 -3.73
N ASP A 195 25.08 -0.12 -2.83
CA ASP A 195 25.77 -1.31 -3.29
C ASP A 195 24.77 -2.36 -3.76
N ILE A 196 25.28 -3.33 -4.52
CA ILE A 196 24.46 -4.38 -5.14
C ILE A 196 24.77 -5.71 -4.43
N ALA A 197 23.72 -6.44 -4.06
CA ALA A 197 23.86 -7.73 -3.38
C ALA A 197 24.66 -8.71 -4.23
N PRO A 198 25.38 -9.66 -3.60
CA PRO A 198 26.11 -10.70 -4.36
C PRO A 198 25.17 -11.81 -4.80
N LEU A 199 24.31 -11.48 -5.78
CA LEU A 199 23.21 -12.37 -6.14
C LEU A 199 23.70 -13.73 -6.62
N ALA A 200 24.77 -13.75 -7.42
CA ALA A 200 25.26 -15.03 -7.92
C ALA A 200 25.66 -15.96 -6.77
N ARG A 201 26.36 -15.42 -5.77
CA ARG A 201 26.77 -16.25 -4.64
C ARG A 201 25.58 -16.65 -3.79
N LEU A 202 24.60 -15.75 -3.62
CA LEU A 202 23.40 -16.10 -2.85
C LEU A 202 22.61 -17.20 -3.54
N LEU A 203 22.55 -17.17 -4.87
CA LEU A 203 21.82 -18.21 -5.59
C LEU A 203 22.53 -19.55 -5.50
N GLU A 204 23.86 -19.55 -5.57
CA GLU A 204 24.62 -20.78 -5.33
C GLU A 204 24.22 -21.40 -3.99
N LEU A 205 24.18 -20.58 -2.94
CA LEU A 205 23.80 -21.07 -1.63
C LEU A 205 22.35 -21.56 -1.63
N ALA A 206 21.45 -20.83 -2.26
CA ALA A 206 20.04 -21.20 -2.27
C ALA A 206 19.85 -22.57 -2.92
N GLU A 207 20.54 -22.80 -4.05
CA GLU A 207 20.41 -24.07 -4.74
C GLU A 207 21.04 -25.19 -3.93
N HIS A 208 22.18 -24.92 -3.29
CA HIS A 208 22.84 -25.96 -2.51
C HIS A 208 22.00 -26.35 -1.30
N HIS A 209 21.37 -25.39 -0.65
CA HIS A 209 20.62 -25.66 0.58
C HIS A 209 19.13 -25.81 0.35
N GLY A 210 18.68 -25.85 -0.90
CA GLY A 210 17.26 -26.05 -1.19
C GLY A 210 16.37 -24.94 -0.68
N ALA A 211 16.82 -23.70 -0.77
CA ALA A 211 16.14 -22.55 -0.21
C ALA A 211 15.52 -21.69 -1.30
N TRP A 212 14.47 -20.95 -0.95
CA TRP A 212 14.02 -19.87 -1.82
C TRP A 212 15.00 -18.70 -1.73
N LEU A 213 15.15 -17.96 -2.83
CA LEU A 213 15.90 -16.71 -2.80
C LEU A 213 14.97 -15.58 -3.22
N VAL A 214 14.48 -14.83 -2.23
CA VAL A 214 13.56 -13.72 -2.46
C VAL A 214 14.39 -12.46 -2.52
N VAL A 215 14.37 -11.76 -3.65
CA VAL A 215 15.15 -10.54 -3.77
C VAL A 215 14.24 -9.38 -4.16
N ASP A 216 14.48 -8.22 -3.53
CA ASP A 216 13.68 -7.02 -3.75
C ASP A 216 14.51 -6.10 -4.64
N ASP A 217 14.08 -5.99 -5.90
CA ASP A 217 14.79 -5.26 -6.94
C ASP A 217 14.22 -3.86 -7.15
N ALA A 218 13.63 -3.27 -6.10
CA ALA A 218 13.03 -1.94 -6.20
C ALA A 218 13.98 -0.93 -6.84
N HIS A 219 15.24 -0.94 -6.46
CA HIS A 219 16.19 0.07 -6.91
C HIS A 219 17.08 -0.42 -8.05
N GLY A 220 16.89 -1.65 -8.52
CA GLY A 220 17.60 -2.14 -9.68
C GLY A 220 16.73 -2.22 -10.91
N PHE A 221 15.42 -2.38 -10.70
CA PHE A 221 14.50 -2.50 -11.82
C PHE A 221 14.59 -1.27 -12.71
N GLY A 222 14.77 -1.48 -14.02
CA GLY A 222 14.82 -0.39 -14.99
C GLY A 222 16.18 0.26 -15.16
N VAL A 223 17.08 0.10 -14.19
CA VAL A 223 18.37 0.76 -14.24
C VAL A 223 19.53 -0.22 -14.35
N LEU A 224 19.33 -1.50 -14.05
CA LEU A 224 20.35 -2.52 -14.19
C LEU A 224 19.93 -3.57 -15.22
N GLY A 225 20.93 -4.23 -15.82
CA GLY A 225 20.70 -5.36 -16.67
C GLY A 225 20.40 -4.97 -18.09
N PRO A 226 20.44 -5.94 -19.00
CA PRO A 226 20.05 -5.66 -20.39
C PRO A 226 18.63 -5.14 -20.44
N GLN A 227 18.43 -4.07 -21.23
CA GLN A 227 17.14 -3.40 -21.40
C GLN A 227 16.55 -2.92 -20.07
N GLY A 228 17.38 -2.83 -19.03
CA GLY A 228 16.88 -2.42 -17.72
C GLY A 228 16.06 -3.47 -17.03
N ARG A 229 16.22 -4.75 -17.39
CA ARG A 229 15.36 -5.79 -16.83
C ARG A 229 15.63 -6.08 -15.36
N GLY A 230 16.75 -5.61 -14.81
CA GLY A 230 16.94 -5.64 -13.37
C GLY A 230 18.22 -6.36 -12.97
N ALA A 231 18.38 -6.49 -11.66
CA ALA A 231 19.63 -6.98 -11.11
C ALA A 231 19.85 -8.46 -11.42
N VAL A 232 18.77 -9.27 -11.39
CA VAL A 232 18.92 -10.68 -11.73
C VAL A 232 19.35 -10.82 -13.18
N ALA A 233 18.73 -10.03 -14.07
CA ALA A 233 19.13 -10.04 -15.48
C ALA A 233 20.56 -9.57 -15.65
N GLU A 234 20.98 -8.57 -14.87
CA GLU A 234 22.37 -8.11 -14.97
C GLU A 234 23.34 -9.22 -14.64
N ALA A 235 23.05 -10.00 -13.59
CA ALA A 235 23.89 -11.13 -13.23
C ALA A 235 23.66 -12.36 -14.11
N ALA A 236 22.68 -12.31 -15.01
CA ALA A 236 22.39 -13.38 -15.97
C ALA A 236 22.13 -14.71 -15.26
N LEU A 237 21.33 -14.65 -14.20
CA LEU A 237 21.01 -15.85 -13.43
C LEU A 237 19.73 -16.47 -13.93
N ARG A 238 19.69 -17.80 -13.91
CA ARG A 238 18.49 -18.56 -14.29
C ARG A 238 18.28 -19.63 -13.23
N SER A 239 17.17 -19.54 -12.50
CA SER A 239 16.89 -20.54 -11.49
C SER A 239 15.46 -20.41 -11.02
N PRO A 240 14.74 -21.51 -10.82
CA PRO A 240 13.40 -21.41 -10.22
C PRO A 240 13.42 -21.14 -8.72
N HIS A 241 14.59 -21.15 -8.09
CA HIS A 241 14.69 -20.72 -6.70
C HIS A 241 14.44 -19.23 -6.54
N LEU A 242 14.57 -18.45 -7.62
CA LEU A 242 14.48 -17.00 -7.54
C LEU A 242 13.05 -16.50 -7.50
N ILE A 243 12.79 -15.59 -6.59
CA ILE A 243 11.52 -14.85 -6.53
C ILE A 243 11.90 -13.39 -6.46
N VAL A 244 11.48 -12.61 -7.46
CA VAL A 244 11.86 -11.21 -7.58
C VAL A 244 10.65 -10.34 -7.25
N VAL A 245 10.82 -9.44 -6.28
CA VAL A 245 9.85 -8.40 -5.96
C VAL A 245 10.37 -7.10 -6.55
N GLY A 246 9.52 -6.38 -7.28
CA GLY A 246 9.90 -5.09 -7.82
C GLY A 246 8.85 -4.04 -7.54
N THR A 247 9.24 -2.78 -7.71
CA THR A 247 8.30 -1.67 -7.62
C THR A 247 8.33 -0.91 -8.93
N LEU A 248 7.24 -0.20 -9.18
CA LEU A 248 7.00 0.42 -10.49
C LEU A 248 6.87 1.93 -10.36
N GLY A 249 7.10 2.47 -9.16
CA GLY A 249 7.07 3.91 -8.91
C GLY A 249 8.44 4.56 -8.78
N LYS A 250 9.53 3.82 -9.00
CA LYS A 250 10.86 4.41 -8.97
C LYS A 250 11.31 4.61 -10.41
N ALA A 251 12.24 3.79 -10.94
CA ALA A 251 12.68 3.98 -12.32
C ALA A 251 11.50 3.97 -13.29
N ALA A 252 10.48 3.16 -13.04
CA ALA A 252 9.39 3.07 -14.02
C ALA A 252 8.47 4.27 -14.01
N GLY A 253 8.54 5.12 -12.98
CA GLY A 253 7.88 6.41 -13.04
C GLY A 253 6.38 6.42 -12.82
N VAL A 254 5.77 5.33 -12.34
CA VAL A 254 4.33 5.37 -12.09
C VAL A 254 4.07 4.96 -10.64
N SER A 255 3.53 3.76 -10.42
CA SER A 255 3.27 3.29 -9.06
C SER A 255 2.97 1.79 -9.14
N GLY A 256 2.89 1.17 -7.98
CA GLY A 256 2.56 -0.25 -7.90
C GLY A 256 3.81 -1.09 -7.74
N ALA A 257 3.61 -2.40 -7.75
CA ALA A 257 4.70 -3.31 -7.45
C ALA A 257 4.33 -4.66 -8.03
N PHE A 258 5.29 -5.58 -8.01
CA PHE A 258 5.00 -6.89 -8.55
C PHE A 258 5.87 -7.95 -7.92
N VAL A 259 5.43 -9.20 -8.05
CA VAL A 259 6.26 -10.37 -7.80
C VAL A 259 6.29 -11.16 -9.11
N VAL A 260 7.49 -11.62 -9.49
CA VAL A 260 7.65 -12.48 -10.67
C VAL A 260 8.44 -13.70 -10.24
N ALA A 261 8.03 -14.87 -10.71
CA ALA A 261 8.57 -16.14 -10.23
C ALA A 261 8.05 -17.23 -11.15
N HIS A 262 8.50 -18.45 -10.88
CA HIS A 262 7.91 -19.64 -11.46
C HIS A 262 6.39 -19.60 -11.28
N GLU A 263 5.66 -20.03 -12.33
CA GLU A 263 4.19 -19.94 -12.28
C GLU A 263 3.60 -20.63 -11.06
N THR A 264 4.22 -21.71 -10.59
CA THR A 264 3.68 -22.43 -9.44
C THR A 264 3.85 -21.61 -8.16
N VAL A 265 4.97 -20.90 -8.03
CA VAL A 265 5.12 -19.97 -6.90
C VAL A 265 4.02 -18.92 -6.93
N ILE A 266 3.78 -18.32 -8.12
CA ILE A 266 2.76 -17.28 -8.22
C ILE A 266 1.38 -17.85 -7.87
N GLU A 267 1.06 -19.05 -8.39
CA GLU A 267 -0.23 -19.65 -8.06
C GLU A 267 -0.35 -19.86 -6.55
N TRP A 268 0.74 -20.28 -5.90
CA TRP A 268 0.72 -20.46 -4.44
C TRP A 268 0.45 -19.13 -3.72
N LEU A 269 1.08 -18.05 -4.17
CA LEU A 269 0.80 -16.75 -3.57
C LEU A 269 -0.68 -16.40 -3.71
N VAL A 270 -1.27 -16.71 -4.87
CA VAL A 270 -2.67 -16.37 -5.09
C VAL A 270 -3.55 -17.15 -4.13
N GLN A 271 -3.22 -18.43 -3.88
CA GLN A 271 -4.06 -19.26 -3.03
C GLN A 271 -3.83 -19.05 -1.55
N ARG A 272 -2.62 -18.65 -1.15
CA ARG A 272 -2.25 -18.66 0.25
C ARG A 272 -2.06 -17.30 0.90
N ALA A 273 -1.67 -16.27 0.16
CA ALA A 273 -1.50 -14.96 0.77
C ALA A 273 -2.85 -14.46 1.28
N ARG A 274 -2.80 -13.74 2.39
CA ARG A 274 -4.03 -13.28 3.01
C ARG A 274 -4.85 -12.47 2.01
N PRO A 275 -6.15 -12.75 1.86
CA PRO A 275 -6.93 -12.08 0.81
C PRO A 275 -6.85 -10.57 0.80
N TYR A 276 -6.75 -9.93 1.98
CA TYR A 276 -6.70 -8.46 2.04
C TYR A 276 -5.47 -7.92 1.32
N ILE A 277 -4.43 -8.74 1.15
CA ILE A 277 -3.26 -8.28 0.41
C ILE A 277 -3.62 -7.99 -1.04
N PHE A 278 -4.61 -8.72 -1.57
CA PHE A 278 -5.03 -8.52 -2.95
C PHE A 278 -6.18 -7.52 -3.11
N THR A 279 -6.81 -7.09 -2.01
CA THR A 279 -7.97 -6.21 -2.11
C THR A 279 -7.52 -4.79 -2.46
N THR A 280 -8.50 -3.98 -2.88
CA THR A 280 -8.30 -2.58 -3.23
C THR A 280 -7.14 -2.41 -4.22
N ALA A 281 -7.39 -2.89 -5.43
CA ALA A 281 -6.44 -2.76 -6.53
C ALA A 281 -6.20 -1.30 -6.88
N SER A 282 -5.04 -1.02 -7.45
CA SER A 282 -4.70 0.34 -7.85
C SER A 282 -5.57 0.77 -9.03
N VAL A 283 -5.56 2.07 -9.31
CA VAL A 283 -6.36 2.59 -10.42
C VAL A 283 -5.91 1.93 -11.73
N PRO A 284 -6.83 1.45 -12.55
CA PRO A 284 -6.41 0.68 -13.74
C PRO A 284 -5.58 1.50 -14.71
N SER A 285 -5.78 2.83 -14.77
CA SER A 285 -4.98 3.66 -15.68
C SER A 285 -3.51 3.62 -15.32
N ALA A 286 -3.18 3.46 -14.03
CA ALA A 286 -1.79 3.35 -13.63
C ALA A 286 -1.15 2.11 -14.20
N ALA A 287 -1.86 0.97 -14.17
CA ALA A 287 -1.32 -0.25 -14.76
C ALA A 287 -1.07 -0.08 -16.25
N HIS A 288 -2.02 0.53 -16.96
CA HIS A 288 -1.85 0.80 -18.39
C HIS A 288 -0.60 1.65 -18.64
N ALA A 289 -0.36 2.63 -17.76
CA ALA A 289 0.81 3.50 -17.92
C ALA A 289 2.09 2.73 -17.62
N VAL A 290 2.07 1.81 -16.66
CA VAL A 290 3.28 1.02 -16.43
C VAL A 290 3.62 0.20 -17.68
N SER A 291 2.60 -0.37 -18.35
CA SER A 291 2.90 -1.11 -19.58
C SER A 291 3.57 -0.22 -20.61
N ALA A 292 3.09 1.03 -20.74
CA ALA A 292 3.75 1.98 -21.62
C ALA A 292 5.17 2.30 -21.15
N SER A 293 5.37 2.41 -19.83
CA SER A 293 6.70 2.72 -19.31
C SER A 293 7.69 1.60 -19.64
N LEU A 294 7.26 0.34 -19.56
CA LEU A 294 8.15 -0.76 -19.91
C LEU A 294 8.65 -0.64 -21.35
N ARG A 295 7.81 -0.12 -22.26
CA ARG A 295 8.24 0.05 -23.64
C ARG A 295 9.31 1.12 -23.76
N ILE A 296 9.25 2.18 -22.93
CA ILE A 296 10.34 3.15 -22.88
C ILE A 296 11.59 2.51 -22.29
N ILE A 297 11.46 1.90 -21.11
CA ILE A 297 12.61 1.36 -20.38
C ILE A 297 13.40 0.40 -21.26
N GLY A 298 12.70 -0.52 -21.92
CA GLY A 298 13.33 -1.56 -22.73
C GLY A 298 13.65 -1.18 -24.16
N GLY A 299 13.40 0.06 -24.55
CA GLY A 299 13.71 0.54 -25.88
C GLY A 299 14.91 1.47 -25.88
N ASP A 300 15.13 2.09 -27.05
CA ASP A 300 16.29 2.96 -27.23
C ASP A 300 16.28 4.11 -26.24
N GLU A 301 15.10 4.66 -25.93
CA GLU A 301 15.05 5.80 -25.03
C GLU A 301 15.51 5.41 -23.62
N GLY A 302 15.08 4.24 -23.15
CA GLY A 302 15.55 3.79 -21.84
C GLY A 302 17.05 3.56 -21.82
N GLU A 303 17.59 3.05 -22.92
CA GLU A 303 19.03 2.85 -23.00
C GLU A 303 19.76 4.18 -22.96
N HIS A 304 19.27 5.19 -23.70
CA HIS A 304 19.86 6.52 -23.66
C HIS A 304 19.80 7.13 -22.27
N ARG A 305 18.66 6.98 -21.58
CA ARG A 305 18.54 7.52 -20.23
C ARG A 305 19.47 6.81 -19.25
N ARG A 306 19.61 5.49 -19.36
CA ARG A 306 20.53 4.78 -18.49
C ARG A 306 21.97 5.22 -18.74
N ALA A 307 22.33 5.42 -20.01
CA ALA A 307 23.69 5.86 -20.32
C ALA A 307 23.98 7.23 -19.74
N HIS A 308 23.01 8.16 -19.85
CA HIS A 308 23.20 9.48 -19.22
C HIS A 308 23.29 9.36 -17.70
N LEU A 309 22.43 8.53 -17.11
CA LEU A 309 22.51 8.28 -15.67
C LEU A 309 23.89 7.77 -15.28
N ARG A 310 24.45 6.85 -16.06
CA ARG A 310 25.78 6.34 -15.75
C ARG A 310 26.82 7.45 -15.77
N SER A 311 26.70 8.40 -16.70
CA SER A 311 27.66 9.51 -16.72
C SER A 311 27.50 10.41 -15.49
N LEU A 312 26.26 10.65 -15.06
CA LEU A 312 26.04 11.45 -13.86
C LEU A 312 26.61 10.76 -12.63
N ILE A 313 26.45 9.44 -12.56
CA ILE A 313 27.02 8.68 -11.44
C ILE A 313 28.53 8.80 -11.41
N ALA A 314 29.17 8.68 -12.58
CA ALA A 314 30.63 8.78 -12.63
C ALA A 314 31.09 10.14 -12.14
N LEU A 315 30.41 11.21 -12.59
CA LEU A 315 30.76 12.55 -12.17
C LEU A 315 30.53 12.75 -10.68
N THR A 316 29.42 12.22 -10.16
CA THR A 316 29.05 12.45 -8.78
C THR A 316 29.99 11.71 -7.84
N ARG A 317 30.42 10.51 -8.24
CA ARG A 317 31.39 9.77 -7.43
C ARG A 317 32.63 10.61 -7.16
N ASP A 318 33.17 11.26 -8.20
CA ASP A 318 34.34 12.12 -8.04
C ASP A 318 34.03 13.35 -7.19
N MET A 319 32.88 13.98 -7.41
CA MET A 319 32.52 15.17 -6.64
C MET A 319 32.49 14.87 -5.16
N LEU A 320 31.91 13.73 -4.78
CA LEU A 320 31.80 13.40 -3.36
C LEU A 320 33.18 13.28 -2.72
N LYS A 321 34.13 12.66 -3.43
CA LYS A 321 35.47 12.52 -2.88
C LYS A 321 36.17 13.86 -2.66
N SER A 322 35.77 14.90 -3.41
CA SER A 322 36.40 16.20 -3.24
CA SER A 322 36.38 16.21 -3.25
C SER A 322 35.88 16.95 -2.02
N THR A 323 34.72 16.56 -1.48
CA THR A 323 34.25 17.15 -0.23
C THR A 323 35.11 16.58 0.91
N PRO A 324 34.99 17.13 2.13
CA PRO A 324 35.69 16.52 3.27
C PRO A 324 34.94 15.40 3.96
N TRP A 325 33.70 15.11 3.55
CA TRP A 325 32.89 14.14 4.25
C TRP A 325 33.14 12.74 3.69
N LEU A 326 32.36 11.76 4.15
CA LEU A 326 32.68 10.37 3.90
C LEU A 326 31.76 9.81 2.82
N PRO A 327 32.23 9.63 1.59
CA PRO A 327 31.36 9.02 0.57
C PRO A 327 31.16 7.54 0.87
N VAL A 328 30.03 7.02 0.42
CA VAL A 328 29.84 5.59 0.27
C VAL A 328 30.06 5.31 -1.20
N ASP A 329 31.03 4.44 -1.47
CA ASP A 329 31.42 4.07 -2.82
C ASP A 329 30.26 3.37 -3.51
N SER A 330 29.59 4.06 -4.41
CA SER A 330 28.42 3.52 -5.08
C SER A 330 28.56 3.72 -6.57
N HIS A 331 28.14 2.70 -7.33
CA HIS A 331 28.07 2.80 -8.78
C HIS A 331 26.63 2.86 -9.26
N THR A 332 25.67 3.13 -8.36
CA THR A 332 24.28 3.30 -8.72
C THR A 332 23.86 4.76 -8.53
N ALA A 333 22.60 5.05 -8.86
CA ALA A 333 22.08 6.41 -8.74
C ALA A 333 22.04 6.92 -7.31
N VAL A 334 22.14 6.03 -6.32
CA VAL A 334 22.15 6.41 -4.91
C VAL A 334 23.58 6.77 -4.53
N GLN A 335 23.80 8.04 -4.18
CA GLN A 335 25.13 8.56 -3.87
C GLN A 335 25.12 9.13 -2.46
N PRO A 336 25.36 8.30 -1.44
CA PRO A 336 25.31 8.79 -0.06
C PRO A 336 26.58 9.52 0.35
N LEU A 337 26.41 10.51 1.20
CA LEU A 337 27.53 11.29 1.74
C LEU A 337 27.34 11.35 3.25
N ILE A 338 28.16 10.59 3.98
CA ILE A 338 27.98 10.41 5.42
C ILE A 338 28.62 11.59 6.14
N ILE A 339 27.83 12.30 6.94
CA ILE A 339 28.29 13.48 7.65
C ILE A 339 28.53 13.13 9.12
N GLY A 340 27.78 12.14 9.65
CA GLY A 340 28.01 11.70 11.00
C GLY A 340 26.83 11.94 11.94
N SER A 341 26.86 13.07 12.61
CA SER A 341 25.82 13.40 13.58
C SER A 341 24.57 13.92 12.87
N ASN A 342 23.43 13.83 13.56
CA ASN A 342 22.21 14.43 13.02
C ASN A 342 22.41 15.93 12.81
N GLU A 343 23.04 16.59 13.78
CA GLU A 343 23.20 18.05 13.72
C GLU A 343 24.03 18.48 12.51
N ALA A 344 25.17 17.82 12.29
CA ALA A 344 26.02 18.21 11.16
C ALA A 344 25.35 17.89 9.83
N THR A 345 24.67 16.75 9.75
CA THR A 345 24.00 16.37 8.52
C THR A 345 22.90 17.36 8.19
N LEU A 346 22.11 17.73 9.20
CA LEU A 346 21.02 18.70 8.99
C LEU A 346 21.56 20.08 8.62
N ASP A 347 22.68 20.47 9.22
CA ASP A 347 23.27 21.76 8.86
C ASP A 347 23.73 21.78 7.40
N VAL A 348 24.37 20.71 6.94
CA VAL A 348 24.78 20.69 5.54
C VAL A 348 23.57 20.68 4.61
N ALA A 349 22.56 19.87 4.94
CA ALA A 349 21.36 19.86 4.08
C ALA A 349 20.69 21.22 4.03
N ALA A 350 20.66 21.92 5.16
CA ALA A 350 20.09 23.26 5.20
C ALA A 350 20.89 24.24 4.37
N SER A 351 22.22 24.11 4.39
CA SER A 351 23.02 24.98 3.55
C SER A 351 22.74 24.73 2.07
N LEU A 352 22.60 23.46 1.68
CA LEU A 352 22.24 23.16 0.30
C LEU A 352 20.85 23.69 -0.04
N ASP A 353 19.93 23.63 0.91
CA ASP A 353 18.59 24.17 0.69
C ASP A 353 18.65 25.67 0.38
N ARG A 354 19.52 26.41 1.08
CA ARG A 354 19.68 27.83 0.80
C ARG A 354 20.24 28.09 -0.60
N ALA A 355 20.90 27.10 -1.19
CA ALA A 355 21.32 27.16 -2.58
C ALA A 355 20.25 26.61 -3.53
N ASN A 356 19.02 26.42 -3.04
CA ASN A 356 17.89 25.92 -3.82
C ASN A 356 18.10 24.48 -4.30
N LEU A 357 18.80 23.69 -3.50
CA LEU A 357 19.03 22.28 -3.76
C LEU A 357 18.37 21.47 -2.65
N TRP A 358 17.52 20.51 -3.01
CA TRP A 358 16.82 19.65 -2.06
C TRP A 358 17.56 18.32 -1.99
N VAL A 359 18.27 18.07 -0.90
CA VAL A 359 19.00 16.83 -0.69
C VAL A 359 18.54 16.26 0.65
N PRO A 360 17.94 15.07 0.68
CA PRO A 360 17.44 14.53 1.95
C PRO A 360 18.54 14.21 2.93
N ALA A 361 18.22 14.40 4.20
CA ALA A 361 19.08 14.01 5.32
C ALA A 361 18.50 12.75 5.94
N ILE A 362 19.31 11.69 6.03
CA ILE A 362 18.87 10.41 6.60
C ILE A 362 19.47 10.25 7.98
N ARG A 363 18.65 9.81 8.94
N ARG A 363 18.65 9.81 8.94
CA ARG A 363 19.03 9.72 10.34
CA ARG A 363 19.00 9.71 10.35
C ARG A 363 18.66 8.35 10.91
C ARG A 363 18.68 8.33 10.89
N PRO A 364 19.27 7.95 12.01
CA PRO A 364 18.85 6.72 12.68
C PRO A 364 17.39 6.81 13.07
N PRO A 365 16.67 5.67 13.08
CA PRO A 365 17.14 4.29 12.89
C PRO A 365 17.30 3.83 11.45
N THR A 366 17.02 4.71 10.47
CA THR A 366 17.12 4.29 9.08
C THR A 366 18.55 3.91 8.72
N VAL A 367 19.53 4.53 9.36
CA VAL A 367 20.94 4.21 9.16
C VAL A 367 21.58 4.04 10.54
N PRO A 368 22.69 3.31 10.62
CA PRO A 368 23.34 3.12 11.92
C PRO A 368 23.70 4.44 12.60
N GLU A 369 23.67 4.43 13.93
CA GLU A 369 23.98 5.60 14.73
C GLU A 369 25.36 6.12 14.38
N GLY A 370 25.47 7.45 14.30
CA GLY A 370 26.72 8.06 13.93
C GLY A 370 26.99 8.09 12.44
N THR A 371 26.07 7.57 11.61
CA THR A 371 26.27 7.60 10.17
C THR A 371 25.16 8.36 9.46
N SER A 372 24.59 9.38 10.10
CA SER A 372 23.62 10.24 9.43
C SER A 372 24.26 10.82 8.17
N ARG A 373 23.44 11.01 7.15
CA ARG A 373 24.03 11.17 5.83
C ARG A 373 23.08 11.90 4.90
N LEU A 374 23.66 12.52 3.88
CA LEU A 374 22.87 12.97 2.74
C LEU A 374 22.63 11.79 1.82
N ARG A 375 21.43 11.71 1.27
CA ARG A 375 21.12 10.71 0.25
C ARG A 375 20.91 11.47 -1.04
N ILE A 376 21.98 11.63 -1.81
CA ILE A 376 21.89 12.27 -3.11
C ILE A 376 21.42 11.21 -4.09
N SER A 377 20.21 11.36 -4.62
CA SER A 377 19.70 10.39 -5.59
CA SER A 377 19.67 10.40 -5.58
C SER A 377 19.67 11.04 -6.96
N LEU A 378 20.39 10.42 -7.91
CA LEU A 378 20.49 10.94 -9.25
C LEU A 378 19.33 10.47 -10.12
N SER A 379 19.05 11.25 -11.16
CA SER A 379 18.01 10.93 -12.12
C SER A 379 18.54 11.23 -13.51
N ALA A 380 18.11 10.45 -14.50
CA ALA A 380 18.47 10.80 -15.88
C ALA A 380 17.97 12.19 -16.27
N ALA A 381 17.04 12.75 -15.51
CA ALA A 381 16.58 14.10 -15.80
C ALA A 381 17.61 15.16 -15.37
N HIS A 382 18.56 14.81 -14.51
CA HIS A 382 19.57 15.77 -14.10
C HIS A 382 20.51 16.10 -15.25
N SER A 383 21.00 17.33 -15.24
CA SER A 383 21.97 17.82 -16.20
C SER A 383 23.34 17.92 -15.54
N HIS A 384 24.37 18.08 -16.37
CA HIS A 384 25.68 18.34 -15.80
C HIS A 384 25.71 19.66 -15.04
N ASN A 385 25.00 20.68 -15.52
CA ASN A 385 24.94 21.92 -14.75
C ASN A 385 24.30 21.71 -13.37
N ASP A 386 23.27 20.85 -13.28
CA ASP A 386 22.71 20.55 -11.96
C ASP A 386 23.79 20.03 -11.02
N LEU A 387 24.64 19.12 -11.51
CA LEU A 387 25.72 18.60 -10.70
C LEU A 387 26.75 19.67 -10.35
N GLU A 388 26.99 20.61 -11.27
CA GLU A 388 27.89 21.70 -10.97
C GLU A 388 27.36 22.55 -9.82
N GLN A 389 26.06 22.80 -9.80
CA GLN A 389 25.49 23.58 -8.71
C GLN A 389 25.63 22.83 -7.39
N LEU A 390 25.39 21.51 -7.42
CA LEU A 390 25.51 20.69 -6.22
C LEU A 390 26.94 20.70 -5.71
N GLU A 391 27.91 20.54 -6.62
CA GLU A 391 29.31 20.59 -6.22
C GLU A 391 29.68 21.92 -5.60
N HIS A 392 29.31 23.02 -6.28
CA HIS A 392 29.64 24.36 -5.79
C HIS A 392 29.08 24.57 -4.38
N ALA A 393 27.83 24.15 -4.14
CA ALA A 393 27.22 24.35 -2.83
C ALA A 393 27.86 23.45 -1.79
N LEU A 394 28.17 22.20 -2.16
CA LEU A 394 28.87 21.32 -1.23
C LEU A 394 30.21 21.92 -0.82
N MET A 395 30.95 22.46 -1.77
CA MET A 395 32.28 22.96 -1.45
C MET A 395 32.20 24.26 -0.67
N LYS A 396 31.26 25.15 -1.01
CA LYS A 396 31.08 26.36 -0.23
C LYS A 396 30.63 26.04 1.18
N THR A 397 29.77 25.03 1.35
CA THR A 397 29.35 24.60 2.68
C THR A 397 30.54 24.07 3.47
N ALA A 398 31.41 23.28 2.83
CA ALA A 398 32.58 22.74 3.52
C ALA A 398 33.49 23.84 4.01
N GLU A 399 33.67 24.89 3.20
CA GLU A 399 34.52 25.99 3.64
C GLU A 399 33.90 26.71 4.82
N ALA A 400 32.58 26.90 4.79
CA ALA A 400 31.89 27.59 5.88
C ALA A 400 32.05 26.84 7.20
N ARG A 401 32.10 25.51 7.15
CA ARG A 401 32.18 24.68 8.35
C ARG A 401 33.61 24.40 8.80
N ALA A 402 34.60 24.68 7.96
CA ALA A 402 35.98 24.31 8.27
C ALA A 402 36.57 25.14 9.41
N HIS B 7 11.05 -31.90 -9.93
CA HIS B 7 11.84 -30.69 -9.98
C HIS B 7 13.15 -30.86 -9.22
N HIS B 8 14.23 -30.28 -9.77
CA HIS B 8 15.46 -30.15 -9.00
C HIS B 8 15.26 -29.25 -7.79
N MET B 9 14.36 -28.26 -7.92
CA MET B 9 13.85 -27.46 -6.79
C MET B 9 12.72 -28.23 -6.14
N GLN B 10 13.06 -29.07 -5.14
CA GLN B 10 12.08 -29.90 -4.45
C GLN B 10 10.97 -29.08 -3.80
N LEU B 11 11.23 -27.80 -3.48
CA LEU B 11 10.18 -26.96 -2.90
C LEU B 11 9.04 -26.74 -3.88
N LEU B 12 9.33 -26.80 -5.20
CA LEU B 12 8.25 -26.67 -6.19
C LEU B 12 7.26 -27.82 -6.11
N ASP B 13 7.76 -29.05 -5.93
CA ASP B 13 6.88 -30.20 -5.78
C ASP B 13 5.98 -30.05 -4.57
N THR B 14 6.53 -29.52 -3.48
CA THR B 14 5.74 -29.29 -2.27
C THR B 14 4.61 -28.31 -2.53
N LEU B 15 4.90 -27.21 -3.22
CA LEU B 15 3.84 -26.27 -3.55
C LEU B 15 2.79 -26.93 -4.44
N GLU B 16 3.25 -27.72 -5.42
CA GLU B 16 2.33 -28.38 -6.34
C GLU B 16 1.40 -29.34 -5.60
N GLN B 17 1.95 -30.10 -4.64
CA GLN B 17 1.11 -30.98 -3.83
C GLN B 17 0.16 -30.17 -2.94
N GLY B 18 0.65 -29.07 -2.37
CA GLY B 18 -0.19 -28.23 -1.54
C GLY B 18 -1.34 -27.58 -2.29
N LEU B 19 -1.12 -27.24 -3.55
CA LEU B 19 -2.21 -26.69 -4.35
C LEU B 19 -3.32 -27.72 -4.52
N LYS B 20 -2.96 -29.00 -4.66
CA LYS B 20 -3.98 -30.04 -4.76
C LYS B 20 -4.82 -30.12 -3.49
N GLU B 21 -4.19 -30.00 -2.31
CA GLU B 21 -4.94 -30.03 -1.06
C GLU B 21 -5.88 -28.84 -0.94
N ILE B 22 -5.46 -27.67 -1.40
CA ILE B 22 -6.33 -26.49 -1.37
C ILE B 22 -7.55 -26.72 -2.25
N ASP B 23 -7.36 -27.37 -3.40
CA ASP B 23 -8.47 -27.70 -4.28
C ASP B 23 -9.48 -28.59 -3.58
N ALA B 24 -9.02 -29.75 -3.08
CA ALA B 24 -9.87 -30.71 -2.39
C ALA B 24 -10.61 -30.07 -1.22
N ARG B 25 -9.91 -29.26 -0.41
CA ARG B 25 -10.49 -28.65 0.78
C ARG B 25 -11.49 -27.54 0.47
N GLY B 26 -11.65 -27.16 -0.79
CA GLY B 26 -12.66 -26.18 -1.14
C GLY B 26 -12.29 -24.74 -0.89
N LEU B 27 -10.99 -24.42 -0.81
CA LEU B 27 -10.52 -23.06 -0.56
C LEU B 27 -9.89 -22.45 -1.80
N ARG B 28 -10.06 -23.07 -2.97
CA ARG B 28 -9.48 -22.60 -4.22
C ARG B 28 -10.00 -21.23 -4.61
N ARG B 29 -9.09 -20.28 -4.77
CA ARG B 29 -9.39 -18.93 -5.20
C ARG B 29 -9.15 -18.76 -6.70
N ARG B 30 -10.05 -18.04 -7.37
CA ARG B 30 -9.89 -17.76 -8.79
C ARG B 30 -9.97 -16.25 -8.99
N ARG B 31 -9.05 -15.71 -9.78
CA ARG B 31 -9.06 -14.31 -10.16
C ARG B 31 -9.89 -14.14 -11.43
N ARG B 32 -10.82 -13.20 -11.42
CA ARG B 32 -11.55 -12.84 -12.62
C ARG B 32 -10.93 -11.58 -13.21
N THR B 33 -10.93 -11.49 -14.53
CA THR B 33 -10.40 -10.32 -15.22
C THR B 33 -11.57 -9.52 -15.82
N VAL B 34 -11.64 -8.24 -15.47
CA VAL B 34 -12.76 -7.39 -15.85
C VAL B 34 -12.34 -6.58 -17.07
N ASP B 35 -13.04 -6.78 -18.18
CA ASP B 35 -12.62 -6.18 -19.43
C ASP B 35 -13.20 -4.79 -19.64
N SER B 36 -14.24 -4.43 -18.89
CA SER B 36 -14.92 -3.15 -18.98
C SER B 36 -14.64 -2.35 -17.71
N PRO B 37 -15.09 -1.09 -17.65
CA PRO B 37 -15.00 -0.38 -16.37
C PRO B 37 -15.82 -1.07 -15.30
N CYS B 38 -15.44 -0.85 -14.06
CA CYS B 38 -16.15 -1.42 -12.92
C CYS B 38 -17.52 -0.78 -12.79
N SER B 39 -18.56 -1.59 -12.79
CA SER B 39 -19.93 -1.12 -12.62
C SER B 39 -20.82 -2.33 -12.34
N ALA B 40 -22.14 -2.10 -12.30
CA ALA B 40 -23.09 -3.17 -12.05
C ALA B 40 -23.05 -4.23 -13.16
N HIS B 41 -22.98 -3.79 -14.41
CA HIS B 41 -22.86 -4.67 -15.58
C HIS B 41 -21.42 -4.58 -16.09
N MET B 42 -20.80 -5.72 -16.34
CA MET B 42 -19.40 -5.73 -16.75
C MET B 42 -19.16 -6.90 -17.68
N THR B 43 -18.11 -6.77 -18.50
CA THR B 43 -17.58 -7.89 -19.23
C THR B 43 -16.51 -8.53 -18.35
N VAL B 44 -16.77 -9.76 -17.91
CA VAL B 44 -15.93 -10.45 -16.95
C VAL B 44 -15.47 -11.74 -17.60
N ASP B 45 -14.17 -11.86 -17.85
CA ASP B 45 -13.61 -13.02 -18.55
C ASP B 45 -14.37 -13.28 -19.85
N GLY B 46 -14.64 -12.20 -20.57
CA GLY B 46 -15.31 -12.28 -21.85
C GLY B 46 -16.80 -12.50 -21.81
N ARG B 47 -17.41 -12.52 -20.62
CA ARG B 47 -18.83 -12.79 -20.48
C ARG B 47 -19.57 -11.55 -20.01
N ASN B 48 -20.81 -11.41 -20.47
CA ASN B 48 -21.68 -10.31 -20.05
C ASN B 48 -22.28 -10.69 -18.70
N MET B 49 -21.79 -10.09 -17.62
CA MET B 49 -22.23 -10.49 -16.28
C MET B 49 -22.78 -9.29 -15.50
N ILE B 50 -23.57 -9.61 -14.48
CA ILE B 50 -23.94 -8.65 -13.45
C ILE B 50 -23.13 -8.98 -12.20
N GLY B 51 -22.42 -8.00 -11.67
CA GLY B 51 -21.55 -8.21 -10.51
C GLY B 51 -22.14 -7.71 -9.21
N PHE B 52 -22.01 -8.52 -8.16
CA PHE B 52 -22.30 -8.09 -6.80
C PHE B 52 -21.06 -8.26 -5.91
N ALA B 53 -19.88 -8.02 -6.49
CA ALA B 53 -18.62 -8.39 -5.86
C ALA B 53 -17.77 -7.21 -5.46
N SER B 54 -18.08 -6.00 -5.90
CA SER B 54 -17.21 -4.87 -5.66
C SER B 54 -17.68 -4.10 -4.45
N ASN B 55 -16.84 -3.18 -3.99
CA ASN B 55 -17.21 -2.22 -2.95
C ASN B 55 -17.40 -0.82 -3.54
N ASP B 56 -17.78 -0.76 -4.82
CA ASP B 56 -18.04 0.50 -5.51
C ASP B 56 -19.45 1.01 -5.16
N TYR B 57 -19.64 1.30 -3.87
CA TYR B 57 -21.00 1.40 -3.32
C TYR B 57 -21.85 2.47 -4.00
N LEU B 58 -21.24 3.55 -4.48
CA LEU B 58 -21.98 4.64 -5.08
C LEU B 58 -21.93 4.65 -6.60
N GLY B 59 -21.35 3.62 -7.23
CA GLY B 59 -21.20 3.57 -8.68
C GLY B 59 -20.30 4.63 -9.29
N LEU B 60 -19.28 5.09 -8.55
CA LEU B 60 -18.44 6.18 -9.01
C LEU B 60 -17.16 5.75 -9.71
N ALA B 61 -16.74 4.49 -9.56
CA ALA B 61 -15.46 4.09 -10.13
C ALA B 61 -15.39 4.36 -11.63
N ALA B 62 -16.52 4.29 -12.33
CA ALA B 62 -16.54 4.51 -13.78
C ALA B 62 -17.02 5.89 -14.17
N HIS B 63 -17.16 6.79 -13.20
CA HIS B 63 -17.87 8.06 -13.44
C HIS B 63 -17.06 8.94 -14.39
N PRO B 64 -17.67 9.49 -15.42
CA PRO B 64 -16.91 10.35 -16.35
C PRO B 64 -16.26 11.56 -15.69
N LEU B 65 -16.85 12.10 -14.62
CA LEU B 65 -16.17 13.21 -13.93
C LEU B 65 -14.86 12.77 -13.31
N LEU B 66 -14.78 11.53 -12.83
CA LEU B 66 -13.54 11.08 -12.23
C LEU B 66 -12.53 10.68 -13.28
N VAL B 67 -12.99 10.14 -14.40
CA VAL B 67 -12.10 9.91 -15.54
C VAL B 67 -11.48 11.24 -15.98
N ALA B 68 -12.31 12.28 -16.14
CA ALA B 68 -11.79 13.59 -16.52
C ALA B 68 -10.84 14.15 -15.46
N ALA B 69 -11.13 13.89 -14.18
CA ALA B 69 -10.24 14.38 -13.12
C ALA B 69 -8.90 13.66 -13.15
N ILE B 70 -8.88 12.36 -13.42
CA ILE B 70 -7.61 11.66 -13.57
CA ILE B 70 -7.61 11.65 -13.57
C ILE B 70 -6.78 12.28 -14.69
N THR B 71 -7.41 12.52 -15.83
CA THR B 71 -6.72 13.13 -16.97
C THR B 71 -6.18 14.51 -16.62
N GLU B 72 -7.01 15.35 -16.00
CA GLU B 72 -6.57 16.70 -15.64
C GLU B 72 -5.42 16.65 -14.63
N GLY B 73 -5.54 15.75 -13.65
CA GLY B 73 -4.49 15.62 -12.67
C GLY B 73 -3.19 15.13 -13.26
N ALA B 74 -3.26 14.20 -14.22
CA ALA B 74 -2.01 13.73 -14.84
C ALA B 74 -1.38 14.83 -15.69
N ARG B 75 -2.20 15.63 -16.37
CA ARG B 75 -1.65 16.72 -17.15
C ARG B 75 -1.01 17.78 -16.28
N ARG B 76 -1.54 18.02 -15.09
CA ARG B 76 -0.99 19.06 -14.23
C ARG B 76 0.21 18.58 -13.43
N TYR B 77 0.16 17.34 -12.94
CA TYR B 77 1.13 16.85 -11.96
C TYR B 77 1.99 15.69 -12.46
N GLY B 78 1.79 15.22 -13.69
CA GLY B 78 2.61 14.15 -14.21
C GLY B 78 2.02 12.79 -13.91
N ALA B 79 2.77 11.75 -14.27
CA ALA B 79 2.30 10.38 -14.09
C ALA B 79 2.58 9.84 -12.69
N GLY B 80 3.81 9.96 -12.20
CA GLY B 80 4.19 9.36 -10.94
C GLY B 80 4.60 10.39 -9.90
N SER B 81 4.71 9.95 -8.65
CA SER B 81 5.15 10.83 -7.57
CA SER B 81 5.16 10.85 -7.59
C SER B 81 6.64 10.75 -7.28
N GLY B 82 7.36 9.81 -7.88
CA GLY B 82 8.80 9.76 -7.71
C GLY B 82 9.30 8.64 -6.83
N GLY B 83 8.42 7.90 -6.14
CA GLY B 83 8.82 6.64 -5.55
C GLY B 83 9.71 6.71 -4.33
N SER B 84 9.74 7.85 -3.63
CA SER B 84 10.61 7.95 -2.46
C SER B 84 10.00 7.19 -1.30
N HIS B 85 10.84 6.42 -0.61
CA HIS B 85 10.44 5.71 0.60
C HIS B 85 10.70 6.51 1.87
N LEU B 86 11.16 7.73 1.74
CA LEU B 86 11.32 8.65 2.86
C LEU B 86 10.08 9.53 2.97
N LEU B 87 10.02 10.32 4.05
CA LEU B 87 8.92 11.27 4.19
C LEU B 87 8.83 12.14 2.93
N GLY B 88 9.93 12.82 2.60
CA GLY B 88 10.12 13.42 1.29
C GLY B 88 9.07 14.47 0.97
N GLY B 89 8.55 14.39 -0.26
CA GLY B 89 7.55 15.31 -0.71
C GLY B 89 6.34 14.58 -1.25
N HIS B 90 5.25 15.31 -1.35
CA HIS B 90 4.04 14.83 -2.01
C HIS B 90 3.55 15.96 -2.89
N SER B 91 2.73 15.62 -3.88
CA SER B 91 2.31 16.64 -4.82
C SER B 91 1.27 17.55 -4.18
N ARG B 92 1.11 18.72 -4.79
CA ARG B 92 0.03 19.62 -4.41
C ARG B 92 -1.32 18.90 -4.46
N ALA B 93 -1.50 17.92 -5.37
CA ALA B 93 -2.75 17.17 -5.40
C ALA B 93 -2.95 16.41 -4.10
N HIS B 94 -1.88 15.82 -3.56
CA HIS B 94 -1.99 15.14 -2.28
C HIS B 94 -2.27 16.12 -1.15
N ALA B 95 -1.55 17.25 -1.13
CA ALA B 95 -1.76 18.23 -0.07
C ALA B 95 -3.19 18.79 -0.12
N GLN B 96 -3.68 19.06 -1.32
CA GLN B 96 -5.03 19.59 -1.47
C GLN B 96 -6.06 18.57 -1.01
N LEU B 97 -5.86 17.29 -1.39
CA LEU B 97 -6.77 16.25 -0.95
C LEU B 97 -6.81 16.16 0.57
N GLU B 98 -5.66 16.29 1.21
CA GLU B 98 -5.61 16.26 2.68
C GLU B 98 -6.43 17.40 3.27
N ASP B 99 -6.31 18.61 2.70
CA ASP B 99 -7.18 19.71 3.14
C ASP B 99 -8.64 19.37 2.91
N ASP B 100 -8.95 18.85 1.72
CA ASP B 100 -10.34 18.53 1.39
C ASP B 100 -10.92 17.49 2.35
N LEU B 101 -10.12 16.47 2.70
CA LEU B 101 -10.60 15.41 3.60
C LEU B 101 -10.79 15.93 5.03
N ALA B 102 -9.90 16.82 5.47
CA ALA B 102 -10.07 17.38 6.80
C ALA B 102 -11.37 18.17 6.89
N GLU B 103 -11.68 18.96 5.85
CA GLU B 103 -12.95 19.69 5.85
C GLU B 103 -14.13 18.74 5.71
N PHE B 104 -14.00 17.68 4.92
CA PHE B 104 -15.14 16.81 4.64
C PHE B 104 -15.42 15.87 5.81
N ALA B 105 -14.39 15.19 6.31
CA ALA B 105 -14.57 14.10 7.24
C ALA B 105 -14.12 14.43 8.65
N GLY B 106 -13.59 15.63 8.89
CA GLY B 106 -13.03 15.96 10.19
C GLY B 106 -13.89 16.83 11.08
N GLY B 107 -15.20 16.82 10.86
CA GLY B 107 -16.11 17.66 11.63
C GLY B 107 -16.18 17.31 13.10
N PHE B 108 -15.69 16.15 13.50
CA PHE B 108 -15.74 15.73 14.90
C PHE B 108 -14.70 16.43 15.77
N VAL B 109 -13.78 17.21 15.18
CA VAL B 109 -12.86 18.03 15.95
C VAL B 109 -12.86 19.42 15.34
N ASP B 110 -12.55 20.43 16.15
CA ASP B 110 -12.57 21.82 15.69
CA ASP B 110 -12.60 21.79 15.63
C ASP B 110 -11.39 22.13 14.77
N ASN B 111 -10.26 21.43 14.95
CA ASN B 111 -9.03 21.73 14.22
C ASN B 111 -8.48 20.46 13.58
N PRO B 112 -9.18 19.90 12.59
CA PRO B 112 -8.73 18.65 11.99
C PRO B 112 -7.59 18.83 11.01
N ARG B 113 -6.80 17.77 10.89
CA ARG B 113 -5.89 17.57 9.78
C ARG B 113 -6.12 16.17 9.23
N ALA B 114 -5.70 15.94 8.00
CA ALA B 114 -5.77 14.62 7.42
C ALA B 114 -4.46 14.26 6.75
N LEU B 115 -4.19 12.96 6.67
CA LEU B 115 -2.99 12.42 6.06
C LEU B 115 -3.42 11.39 5.03
N TYR B 116 -2.88 11.50 3.83
CA TYR B 116 -3.20 10.58 2.76
C TYR B 116 -2.18 9.44 2.72
N PHE B 117 -2.68 8.20 2.55
CA PHE B 117 -1.85 7.01 2.46
C PHE B 117 -2.23 6.21 1.22
N SER B 118 -1.28 5.37 0.78
CA SER B 118 -1.48 4.54 -0.40
CA SER B 118 -1.54 4.58 -0.42
C SER B 118 -2.60 3.52 -0.19
N THR B 119 -2.67 2.93 1.01
CA THR B 119 -3.59 1.84 1.31
C THR B 119 -4.16 2.03 2.70
N GLY B 120 -5.34 1.45 2.91
CA GLY B 120 -5.89 1.45 4.26
C GLY B 120 -4.98 0.73 5.24
N TYR B 121 -4.32 -0.33 4.79
CA TYR B 121 -3.36 -1.03 5.64
C TYR B 121 -2.32 -0.07 6.18
N MET B 122 -1.73 0.77 5.31
CA MET B 122 -0.68 1.68 5.77
C MET B 122 -1.23 2.76 6.70
N ALA B 123 -2.44 3.26 6.40
CA ALA B 123 -3.03 4.27 7.29
C ALA B 123 -3.20 3.70 8.70
N ASN B 124 -3.69 2.46 8.79
CA ASN B 124 -3.81 1.82 10.10
C ASN B 124 -2.43 1.59 10.73
N LEU B 125 -1.47 1.11 9.93
CA LEU B 125 -0.12 0.87 10.46
C LEU B 125 0.52 2.16 11.00
N ALA B 126 0.39 3.26 10.26
CA ALA B 126 0.92 4.54 10.75
C ALA B 126 0.28 4.92 12.07
N THR B 127 -1.04 4.79 12.16
CA THR B 127 -1.75 5.23 13.35
C THR B 127 -1.31 4.39 14.56
N LEU B 128 -1.31 3.07 14.40
CA LEU B 128 -1.03 2.19 15.53
C LEU B 128 0.44 2.20 15.92
N THR B 129 1.37 2.28 14.97
CA THR B 129 2.78 2.35 15.35
C THR B 129 3.12 3.67 16.00
N ALA B 130 2.47 4.76 15.60
CA ALA B 130 2.75 6.06 16.23
C ALA B 130 2.16 6.14 17.63
N LEU B 131 0.93 5.67 17.81
CA LEU B 131 0.21 5.88 19.06
C LEU B 131 0.30 4.70 20.02
N ALA B 132 0.56 3.52 19.50
CA ALA B 132 0.73 2.34 20.33
C ALA B 132 2.20 1.94 20.31
N GLY B 133 2.55 1.10 21.26
CA GLY B 133 3.89 0.55 21.32
C GLY B 133 3.96 -0.31 22.56
N ARG B 134 5.18 -0.68 22.93
CA ARG B 134 5.36 -1.40 24.18
C ARG B 134 4.78 -0.57 25.32
N GLY B 135 4.10 -1.25 26.24
CA GLY B 135 3.44 -0.58 27.35
C GLY B 135 2.04 -0.10 27.04
N THR B 136 1.64 -0.09 25.77
CA THR B 136 0.31 0.30 25.33
C THR B 136 -0.59 -0.94 25.29
N THR B 137 -1.86 -0.77 25.64
CA THR B 137 -2.84 -1.83 25.40
C THR B 137 -3.84 -1.38 24.35
N LEU B 138 -4.03 -2.23 23.34
CA LEU B 138 -4.94 -2.00 22.24
C LEU B 138 -6.11 -2.94 22.41
N PHE B 139 -7.32 -2.40 22.47
CA PHE B 139 -8.55 -3.17 22.65
C PHE B 139 -9.28 -3.25 21.32
N SER B 140 -9.42 -4.45 20.78
CA SER B 140 -9.84 -4.66 19.39
C SER B 140 -11.10 -5.51 19.32
N ASP B 141 -12.10 -5.00 18.59
CA ASP B 141 -13.32 -5.75 18.35
C ASP B 141 -13.01 -7.09 17.68
N SER B 142 -13.62 -8.17 18.19
CA SER B 142 -13.28 -9.51 17.73
C SER B 142 -13.54 -9.73 16.26
N LEU B 143 -14.40 -8.93 15.63
CA LEU B 143 -14.71 -9.09 14.22
C LEU B 143 -14.05 -8.03 13.33
N ASN B 144 -13.10 -7.28 13.86
CA ASN B 144 -12.37 -6.32 13.03
C ASN B 144 -11.75 -7.04 11.84
N HIS B 145 -11.66 -6.35 10.71
CA HIS B 145 -11.05 -6.99 9.56
C HIS B 145 -9.61 -7.38 9.88
N ALA B 146 -9.18 -8.48 9.27
CA ALA B 146 -7.99 -9.22 9.73
C ALA B 146 -6.74 -8.35 9.77
N SER B 147 -6.53 -7.53 8.75
CA SER B 147 -5.27 -6.78 8.66
C SER B 147 -5.12 -5.76 9.77
N LEU B 148 -6.22 -5.36 10.41
CA LEU B 148 -6.10 -4.45 11.55
C LEU B 148 -5.25 -5.10 12.65
N ILE B 149 -5.43 -6.41 12.87
CA ILE B 149 -4.67 -7.12 13.90
C ILE B 149 -3.21 -7.30 13.47
N ASP B 150 -2.96 -7.45 12.16
CA ASP B 150 -1.58 -7.49 11.68
C ASP B 150 -0.85 -6.19 12.02
N GLY B 151 -1.51 -5.05 11.86
CA GLY B 151 -0.88 -3.79 12.22
C GLY B 151 -0.65 -3.66 13.71
N ALA B 152 -1.55 -4.24 14.52
CA ALA B 152 -1.36 -4.20 15.97
C ALA B 152 -0.16 -5.05 16.38
N ARG B 153 0.02 -6.20 15.72
CA ARG B 153 1.15 -7.06 16.04
C ARG B 153 2.47 -6.36 15.77
N LEU B 154 2.57 -5.66 14.64
CA LEU B 154 3.81 -4.94 14.34
C LEU B 154 4.02 -3.78 15.30
N SER B 155 2.94 -3.12 15.71
CA SER B 155 3.04 -1.99 16.64
C SER B 155 3.70 -2.39 17.96
N ARG B 156 3.68 -3.68 18.31
CA ARG B 156 4.29 -4.29 19.49
C ARG B 156 3.48 -4.02 20.76
N ALA B 157 2.29 -3.45 20.64
CA ALA B 157 1.46 -3.19 21.80
C ALA B 157 0.92 -4.50 22.39
N ASP B 158 0.53 -4.44 23.66
CA ASP B 158 -0.29 -5.51 24.21
C ASP B 158 -1.65 -5.47 23.52
N ILE B 159 -2.19 -6.64 23.19
CA ILE B 159 -3.44 -6.73 22.44
C ILE B 159 -4.49 -7.45 23.27
N GLN B 160 -5.66 -6.83 23.39
CA GLN B 160 -6.80 -7.38 24.12
C GLN B 160 -8.00 -7.39 23.20
N ILE B 161 -8.52 -8.58 22.88
CA ILE B 161 -9.69 -8.66 22.00
C ILE B 161 -10.96 -8.59 22.84
N TYR B 162 -11.91 -7.76 22.40
CA TYR B 162 -13.18 -7.75 23.13
C TYR B 162 -14.30 -8.31 22.26
N PRO B 163 -15.32 -8.92 22.85
CA PRO B 163 -16.35 -9.59 22.05
C PRO B 163 -17.09 -8.59 21.18
N HIS B 164 -17.45 -9.03 19.97
CA HIS B 164 -17.91 -8.12 18.94
C HIS B 164 -19.02 -7.20 19.46
N ALA B 165 -18.80 -5.90 19.32
CA ALA B 165 -19.78 -4.85 19.63
C ALA B 165 -20.24 -4.91 21.09
N ASP B 166 -19.49 -5.59 21.95
CA ASP B 166 -19.93 -5.82 23.34
C ASP B 166 -19.27 -4.73 24.17
N ALA B 167 -19.92 -3.57 24.22
CA ALA B 167 -19.36 -2.41 24.90
C ALA B 167 -19.24 -2.66 26.39
N GLU B 168 -20.19 -3.38 26.98
CA GLU B 168 -20.13 -3.61 28.41
C GLU B 168 -18.98 -4.52 28.78
N ALA B 169 -18.72 -5.56 27.96
CA ALA B 169 -17.55 -6.38 28.19
C ALA B 169 -16.27 -5.57 28.02
N LEU B 170 -16.23 -4.72 26.99
CA LEU B 170 -15.08 -3.84 26.80
C LEU B 170 -14.89 -2.90 27.99
N GLY B 171 -15.99 -2.38 28.53
CA GLY B 171 -15.89 -1.47 29.66
C GLY B 171 -15.22 -2.12 30.85
N ALA B 172 -15.57 -3.38 31.12
CA ALA B 172 -14.94 -4.10 32.21
C ALA B 172 -13.46 -4.32 31.94
N MET B 173 -13.09 -4.55 30.68
CA MET B 173 -11.69 -4.72 30.36
C MET B 173 -10.92 -3.43 30.56
N LEU B 174 -11.47 -2.30 30.10
CA LEU B 174 -10.83 -1.01 30.29
C LEU B 174 -10.66 -0.70 31.76
N GLU B 175 -11.70 -0.96 32.56
CA GLU B 175 -11.62 -0.70 33.99
C GLU B 175 -10.53 -1.53 34.64
N ALA B 176 -10.40 -2.80 34.23
CA ALA B 176 -9.41 -3.70 34.82
C ALA B 176 -7.99 -3.41 34.36
N SER B 177 -7.82 -2.67 33.27
CA SER B 177 -6.51 -2.38 32.71
C SER B 177 -5.90 -1.16 33.38
N ASP B 178 -4.63 -1.26 33.71
CA ASP B 178 -3.88 -0.12 34.24
C ASP B 178 -2.84 0.40 33.25
N ALA B 179 -3.02 0.10 31.95
CA ALA B 179 -2.11 0.62 30.94
C ALA B 179 -2.14 2.15 30.94
N ALA B 180 -0.96 2.76 30.81
CA ALA B 180 -0.92 4.21 30.73
C ALA B 180 -1.60 4.70 29.45
N VAL B 181 -1.41 3.98 28.34
CA VAL B 181 -2.01 4.34 27.06
C VAL B 181 -2.94 3.20 26.64
N LYS B 182 -4.21 3.53 26.43
CA LYS B 182 -5.21 2.57 25.98
C LYS B 182 -5.74 3.04 24.64
N LEU B 183 -5.88 2.11 23.69
CA LEU B 183 -6.49 2.42 22.40
C LEU B 183 -7.62 1.43 22.16
N ILE B 184 -8.79 1.95 21.81
CA ILE B 184 -9.91 1.13 21.36
C ILE B 184 -9.95 1.21 19.84
N VAL B 185 -10.01 0.05 19.18
CA VAL B 185 -9.96 -0.01 17.72
C VAL B 185 -11.16 -0.79 17.21
N SER B 186 -11.93 -0.17 16.31
CA SER B 186 -13.11 -0.83 15.79
C SER B 186 -13.37 -0.39 14.35
N ASP B 187 -13.75 -1.35 13.50
CA ASP B 187 -14.42 -1.01 12.25
C ASP B 187 -15.70 -0.22 12.57
N THR B 188 -16.09 0.68 11.67
CA THR B 188 -17.40 1.31 11.83
C THR B 188 -18.48 0.43 11.24
N VAL B 189 -18.27 -0.05 10.02
CA VAL B 189 -19.16 -1.00 9.36
C VAL B 189 -18.37 -2.28 9.16
N PHE B 190 -18.92 -3.39 9.61
CA PHE B 190 -18.20 -4.66 9.55
C PHE B 190 -18.41 -5.30 8.18
N SER B 191 -17.30 -5.51 7.46
CA SER B 191 -17.36 -5.75 6.02
C SER B 191 -18.02 -7.07 5.65
N MET B 192 -18.03 -8.06 6.55
CA MET B 192 -18.64 -9.34 6.24
C MET B 192 -20.03 -9.50 6.82
N ASP B 193 -20.50 -8.54 7.61
CA ASP B 193 -21.78 -8.67 8.28
C ASP B 193 -22.67 -7.47 8.02
N GLY B 194 -22.06 -6.31 7.75
CA GLY B 194 -22.79 -5.10 7.42
C GLY B 194 -23.34 -4.31 8.59
N ASP B 195 -23.14 -4.77 9.83
CA ASP B 195 -23.66 -4.02 10.97
C ASP B 195 -22.71 -2.87 11.32
N ILE B 196 -23.22 -1.91 12.08
CA ILE B 196 -22.50 -0.68 12.39
C ILE B 196 -22.09 -0.73 13.85
N ALA B 197 -20.83 -0.41 14.12
CA ALA B 197 -20.31 -0.39 15.48
C ALA B 197 -21.12 0.56 16.35
N PRO B 198 -21.22 0.30 17.67
CA PRO B 198 -21.91 1.23 18.59
C PRO B 198 -20.99 2.38 18.98
N LEU B 199 -20.77 3.28 18.02
CA LEU B 199 -19.73 4.30 18.15
C LEU B 199 -19.97 5.21 19.34
N ALA B 200 -21.23 5.61 19.57
CA ALA B 200 -21.50 6.53 20.68
C ALA B 200 -21.09 5.90 22.00
N ARG B 201 -21.40 4.63 22.20
CA ARG B 201 -21.05 3.97 23.44
C ARG B 201 -19.54 3.76 23.55
N LEU B 202 -18.90 3.41 22.43
CA LEU B 202 -17.44 3.27 22.45
C LEU B 202 -16.77 4.60 22.78
N LEU B 203 -17.32 5.71 22.28
CA LEU B 203 -16.74 7.01 22.58
C LEU B 203 -16.94 7.39 24.04
N GLU B 204 -18.12 7.09 24.60
CA GLU B 204 -18.30 7.29 26.04
C GLU B 204 -17.23 6.55 26.84
N LEU B 205 -17.00 5.29 26.50
CA LEU B 205 -15.97 4.51 27.18
C LEU B 205 -14.59 5.11 26.96
N ALA B 206 -14.28 5.52 25.74
CA ALA B 206 -12.96 6.07 25.45
C ALA B 206 -12.72 7.33 26.27
N GLU B 207 -13.72 8.22 26.34
CA GLU B 207 -13.55 9.44 27.11
C GLU B 207 -13.48 9.15 28.59
N HIS B 208 -14.27 8.20 29.09
CA HIS B 208 -14.23 7.88 30.52
C HIS B 208 -12.87 7.32 30.92
N HIS B 209 -12.26 6.50 30.07
CA HIS B 209 -11.02 5.81 30.40
C HIS B 209 -9.80 6.49 29.81
N GLY B 210 -9.97 7.67 29.22
CA GLY B 210 -8.84 8.40 28.67
C GLY B 210 -8.13 7.69 27.54
N ALA B 211 -8.89 7.01 26.68
CA ALA B 211 -8.31 6.20 25.61
C ALA B 211 -8.53 6.85 24.26
N TRP B 212 -7.65 6.53 23.31
CA TRP B 212 -7.95 6.84 21.92
C TRP B 212 -9.04 5.91 21.41
N LEU B 213 -9.85 6.42 20.48
CA LEU B 213 -10.84 5.60 19.77
C LEU B 213 -10.50 5.68 18.29
N VAL B 214 -9.86 4.65 17.78
CA VAL B 214 -9.48 4.57 16.37
C VAL B 214 -10.55 3.77 15.64
N VAL B 215 -11.20 4.37 14.65
CA VAL B 215 -12.26 3.66 13.96
C VAL B 215 -11.97 3.65 12.47
N ASP B 216 -12.23 2.52 11.84
CA ASP B 216 -11.93 2.32 10.43
C ASP B 216 -13.25 2.41 9.68
N ASP B 217 -13.42 3.49 8.93
CA ASP B 217 -14.67 3.80 8.25
C ASP B 217 -14.65 3.42 6.77
N ALA B 218 -13.88 2.39 6.40
CA ALA B 218 -13.79 1.98 5.00
C ALA B 218 -15.16 1.81 4.35
N HIS B 219 -16.10 1.18 5.06
CA HIS B 219 -17.38 0.82 4.47
C HIS B 219 -18.50 1.77 4.87
N GLY B 220 -18.19 2.78 5.68
CA GLY B 220 -19.15 3.81 5.98
C GLY B 220 -18.89 5.12 5.25
N PHE B 221 -17.63 5.37 4.88
CA PHE B 221 -17.29 6.63 4.21
C PHE B 221 -18.06 6.77 2.90
N GLY B 222 -18.73 7.93 2.72
CA GLY B 222 -19.46 8.21 1.50
C GLY B 222 -20.89 7.69 1.47
N VAL B 223 -21.22 6.71 2.32
CA VAL B 223 -22.56 6.11 2.29
C VAL B 223 -23.34 6.36 3.57
N LEU B 224 -22.70 6.78 4.65
CA LEU B 224 -23.38 7.12 5.90
C LEU B 224 -23.19 8.59 6.23
N GLY B 225 -24.14 9.14 6.97
CA GLY B 225 -24.00 10.46 7.56
C GLY B 225 -24.41 11.56 6.61
N PRO B 226 -24.57 12.78 7.15
CA PRO B 226 -24.92 13.91 6.28
C PRO B 226 -23.86 14.09 5.22
N GLN B 227 -24.32 14.26 3.98
CA GLN B 227 -23.46 14.39 2.81
C GLN B 227 -22.51 13.22 2.62
N GLY B 228 -22.78 12.07 3.24
CA GLY B 228 -21.87 10.95 3.12
C GLY B 228 -20.56 11.10 3.85
N ARG B 229 -20.51 11.94 4.87
CA ARG B 229 -19.26 12.20 5.59
C ARG B 229 -18.81 11.03 6.45
N GLY B 230 -19.66 10.04 6.68
CA GLY B 230 -19.21 8.79 7.29
C GLY B 230 -19.95 8.46 8.57
N ALA B 231 -19.50 7.39 9.22
CA ALA B 231 -20.21 6.83 10.37
C ALA B 231 -20.13 7.76 11.58
N VAL B 232 -18.97 8.38 11.79
CA VAL B 232 -18.86 9.31 12.92
C VAL B 232 -19.80 10.49 12.75
N ALA B 233 -19.88 11.04 11.52
CA ALA B 233 -20.82 12.11 11.25
C ALA B 233 -22.25 11.65 11.40
N GLU B 234 -22.55 10.40 11.00
CA GLU B 234 -23.91 9.91 11.18
C GLU B 234 -24.30 9.90 12.64
N ALA B 235 -23.38 9.49 13.51
CA ALA B 235 -23.66 9.51 14.94
C ALA B 235 -23.55 10.90 15.56
N ALA B 236 -23.14 11.91 14.78
CA ALA B 236 -23.01 13.29 15.25
C ALA B 236 -22.11 13.38 16.48
N LEU B 237 -20.98 12.69 16.44
CA LEU B 237 -20.06 12.68 17.56
C LEU B 237 -18.99 13.76 17.38
N ARG B 238 -18.59 14.36 18.48
CA ARG B 238 -17.52 15.35 18.50
C ARG B 238 -16.61 15.02 19.67
N SER B 239 -15.37 14.70 19.38
CA SER B 239 -14.40 14.39 20.42
C SER B 239 -13.01 14.36 19.82
N PRO B 240 -12.01 14.92 20.50
CA PRO B 240 -10.63 14.74 20.04
C PRO B 240 -10.07 13.36 20.34
N HIS B 241 -10.80 12.51 21.07
CA HIS B 241 -10.38 11.12 21.24
C HIS B 241 -10.50 10.34 19.94
N LEU B 242 -11.27 10.84 18.97
CA LEU B 242 -11.56 10.08 17.77
C LEU B 242 -10.41 10.20 16.77
N ILE B 243 -10.04 9.06 16.19
CA ILE B 243 -9.13 9.00 15.05
C ILE B 243 -9.82 8.15 13.99
N VAL B 244 -10.07 8.73 12.83
CA VAL B 244 -10.82 8.05 11.78
C VAL B 244 -9.87 7.68 10.66
N VAL B 245 -9.85 6.39 10.31
CA VAL B 245 -9.13 5.88 9.15
C VAL B 245 -10.18 5.61 8.08
N GLY B 246 -9.94 6.07 6.85
CA GLY B 246 -10.84 5.81 5.77
C GLY B 246 -10.10 5.31 4.55
N THR B 247 -10.85 4.73 3.63
CA THR B 247 -10.30 4.38 2.32
C THR B 247 -11.11 5.07 1.24
N LEU B 248 -10.46 5.20 0.08
CA LEU B 248 -10.99 6.05 -0.98
C LEU B 248 -11.26 5.27 -2.25
N GLY B 249 -11.08 3.95 -2.23
CA GLY B 249 -11.32 3.08 -3.36
C GLY B 249 -12.61 2.28 -3.28
N LYS B 250 -13.44 2.53 -2.27
CA LYS B 250 -14.75 1.90 -2.16
C LYS B 250 -15.81 2.89 -2.65
N ALA B 251 -16.59 3.49 -1.75
CA ALA B 251 -17.61 4.45 -2.20
C ALA B 251 -17.02 5.59 -3.03
N ALA B 252 -15.81 6.05 -2.68
CA ALA B 252 -15.26 7.20 -3.40
C ALA B 252 -14.75 6.84 -4.80
N GLY B 253 -14.60 5.55 -5.12
CA GLY B 253 -14.41 5.15 -6.50
C GLY B 253 -13.03 5.35 -7.10
N VAL B 254 -12.01 5.61 -6.28
CA VAL B 254 -10.66 5.77 -6.82
C VAL B 254 -9.73 4.82 -6.08
N SER B 255 -8.83 5.34 -5.26
CA SER B 255 -7.89 4.50 -4.53
C SER B 255 -7.29 5.35 -3.42
N GLY B 256 -6.58 4.70 -2.51
CA GLY B 256 -5.93 5.43 -1.44
C GLY B 256 -6.71 5.36 -0.13
N ALA B 257 -6.17 6.06 0.86
CA ALA B 257 -6.73 5.99 2.20
C ALA B 257 -6.30 7.23 2.97
N PHE B 258 -6.88 7.40 4.16
CA PHE B 258 -6.53 8.58 4.92
C PHE B 258 -6.70 8.31 6.40
N VAL B 259 -6.05 9.17 7.19
CA VAL B 259 -6.29 9.31 8.62
C VAL B 259 -6.74 10.74 8.85
N VAL B 260 -7.79 10.94 9.62
CA VAL B 260 -8.19 12.29 9.99
C VAL B 260 -8.36 12.34 11.50
N ALA B 261 -7.89 13.42 12.12
CA ALA B 261 -7.84 13.49 13.58
C ALA B 261 -7.50 14.92 13.98
N HIS B 262 -7.47 15.15 15.29
CA HIS B 262 -6.93 16.40 15.82
C HIS B 262 -5.57 16.68 15.20
N GLU B 263 -5.31 17.96 14.88
CA GLU B 263 -4.06 18.30 14.20
C GLU B 263 -2.82 17.79 14.94
N THR B 264 -2.88 17.74 16.28
CA THR B 264 -1.71 17.30 17.03
C THR B 264 -1.47 15.81 16.86
N VAL B 265 -2.54 15.02 16.78
CA VAL B 265 -2.41 13.59 16.49
C VAL B 265 -1.76 13.40 15.12
N ILE B 266 -2.21 14.15 14.12
CA ILE B 266 -1.66 14.02 12.78
C ILE B 266 -0.18 14.40 12.78
N GLU B 267 0.17 15.51 13.43
CA GLU B 267 1.58 15.90 13.49
C GLU B 267 2.40 14.82 14.15
N TRP B 268 1.87 14.20 15.21
CA TRP B 268 2.57 13.11 15.86
C TRP B 268 2.79 11.94 14.91
N LEU B 269 1.77 11.60 14.10
CA LEU B 269 1.97 10.54 13.11
C LEU B 269 3.09 10.88 12.15
N VAL B 270 3.16 12.14 11.70
CA VAL B 270 4.22 12.53 10.78
C VAL B 270 5.59 12.40 11.43
N GLN B 271 5.69 12.76 12.72
CA GLN B 271 7.00 12.76 13.38
C GLN B 271 7.40 11.38 13.87
N ARG B 272 6.44 10.50 14.17
CA ARG B 272 6.75 9.28 14.89
C ARG B 272 6.59 8.01 14.08
N ALA B 273 5.69 7.98 13.09
CA ALA B 273 5.55 6.79 12.27
C ALA B 273 6.80 6.61 11.42
N ARG B 274 7.18 5.34 11.20
CA ARG B 274 8.38 5.03 10.44
C ARG B 274 8.29 5.62 9.03
N PRO B 275 9.36 6.26 8.54
CA PRO B 275 9.27 6.96 7.25
C PRO B 275 8.71 6.13 6.11
N TYR B 276 8.97 4.81 6.07
CA TYR B 276 8.48 3.97 4.98
C TYR B 276 6.97 3.87 4.94
N ILE B 277 6.29 4.15 6.06
CA ILE B 277 4.84 4.12 6.07
C ILE B 277 4.28 5.25 5.20
N PHE B 278 5.02 6.35 5.08
CA PHE B 278 4.69 7.46 4.21
C PHE B 278 5.22 7.28 2.80
N THR B 279 5.90 6.16 2.54
CA THR B 279 6.62 5.90 1.32
C THR B 279 5.68 5.66 0.14
N THR B 280 6.29 5.73 -1.05
CA THR B 280 5.69 5.37 -2.34
C THR B 280 4.28 5.96 -2.48
N ALA B 281 4.26 7.29 -2.63
CA ALA B 281 2.99 7.96 -2.81
C ALA B 281 2.31 7.46 -4.09
N SER B 282 0.97 7.50 -4.08
CA SER B 282 0.20 7.07 -5.22
C SER B 282 0.37 8.08 -6.36
N VAL B 283 -0.09 7.70 -7.55
CA VAL B 283 0.02 8.66 -8.67
C VAL B 283 -0.76 9.91 -8.32
N PRO B 284 -0.21 11.08 -8.56
CA PRO B 284 -0.92 12.31 -8.13
C PRO B 284 -2.26 12.46 -8.79
N SER B 285 -2.46 11.91 -10.00
CA SER B 285 -3.78 12.07 -10.64
C SER B 285 -4.87 11.37 -9.82
N ALA B 286 -4.53 10.29 -9.11
CA ALA B 286 -5.51 9.63 -8.26
C ALA B 286 -6.00 10.55 -7.14
N ALA B 287 -5.08 11.28 -6.48
CA ALA B 287 -5.49 12.22 -5.44
C ALA B 287 -6.39 13.31 -6.00
N HIS B 288 -6.03 13.84 -7.17
CA HIS B 288 -6.87 14.85 -7.83
C HIS B 288 -8.27 14.31 -8.08
N ALA B 289 -8.36 13.04 -8.47
CA ALA B 289 -9.66 12.46 -8.75
C ALA B 289 -10.47 12.25 -7.48
N VAL B 290 -9.82 11.89 -6.37
CA VAL B 290 -10.56 11.77 -5.11
C VAL B 290 -11.16 13.12 -4.73
N SER B 291 -10.39 14.20 -4.91
CA SER B 291 -10.95 15.51 -4.58
C SER B 291 -12.21 15.77 -5.40
N ALA B 292 -12.20 15.39 -6.68
CA ALA B 292 -13.39 15.48 -7.53
C ALA B 292 -14.50 14.58 -7.02
N SER B 293 -14.15 13.38 -6.55
CA SER B 293 -15.16 12.47 -6.02
C SER B 293 -15.84 13.03 -4.79
N LEU B 294 -15.07 13.66 -3.90
CA LEU B 294 -15.69 14.26 -2.71
C LEU B 294 -16.77 15.27 -3.09
N ARG B 295 -16.56 16.01 -4.17
CA ARG B 295 -17.57 16.97 -4.60
C ARG B 295 -18.85 16.30 -5.07
N ILE B 296 -18.73 15.12 -5.71
CA ILE B 296 -19.90 14.32 -6.06
C ILE B 296 -20.58 13.80 -4.79
N ILE B 297 -19.79 13.13 -3.93
CA ILE B 297 -20.35 12.48 -2.75
C ILE B 297 -21.14 13.48 -1.91
N GLY B 298 -20.56 14.65 -1.67
CA GLY B 298 -21.13 15.67 -0.82
C GLY B 298 -22.12 16.60 -1.50
N GLY B 299 -22.42 16.37 -2.79
CA GLY B 299 -23.36 17.16 -3.52
C GLY B 299 -24.67 16.44 -3.77
N ASP B 300 -25.51 17.05 -4.61
CA ASP B 300 -26.82 16.50 -4.92
C ASP B 300 -26.72 15.12 -5.55
N GLU B 301 -25.71 14.91 -6.40
CA GLU B 301 -25.61 13.61 -7.07
C GLU B 301 -25.29 12.50 -6.07
N GLY B 302 -24.39 12.77 -5.11
CA GLY B 302 -24.11 11.78 -4.09
C GLY B 302 -25.35 11.47 -3.26
N GLU B 303 -26.15 12.50 -2.96
CA GLU B 303 -27.38 12.27 -2.21
C GLU B 303 -28.35 11.39 -3.00
N HIS B 304 -28.48 11.66 -4.30
CA HIS B 304 -29.33 10.83 -5.16
CA HIS B 304 -29.33 10.83 -5.17
C HIS B 304 -28.85 9.38 -5.19
N ARG B 305 -27.54 9.18 -5.33
CA ARG B 305 -26.99 7.83 -5.37
C ARG B 305 -27.17 7.10 -4.05
N ARG B 306 -26.99 7.80 -2.91
CA ARG B 306 -27.23 7.15 -1.62
C ARG B 306 -28.70 6.75 -1.48
N ALA B 307 -29.61 7.60 -1.94
CA ALA B 307 -31.04 7.29 -1.85
C ALA B 307 -31.39 6.06 -2.67
N HIS B 308 -30.85 5.96 -3.89
CA HIS B 308 -31.06 4.74 -4.69
C HIS B 308 -30.44 3.53 -4.01
N LEU B 309 -29.23 3.68 -3.46
CA LEU B 309 -28.62 2.59 -2.70
C LEU B 309 -29.51 2.15 -1.54
N ARG B 310 -30.08 3.11 -0.80
CA ARG B 310 -30.97 2.74 0.30
C ARG B 310 -32.18 1.96 -0.21
N SER B 311 -32.68 2.34 -1.39
CA SER B 311 -33.80 1.61 -1.98
C SER B 311 -33.40 0.18 -2.35
N LEU B 312 -32.18 -0.01 -2.88
CA LEU B 312 -31.70 -1.35 -3.20
C LEU B 312 -31.52 -2.20 -1.96
N ILE B 313 -31.03 -1.59 -0.88
CA ILE B 313 -30.85 -2.33 0.37
C ILE B 313 -32.19 -2.86 0.87
N ALA B 314 -33.24 -2.03 0.81
CA ALA B 314 -34.57 -2.44 1.26
C ALA B 314 -35.10 -3.62 0.44
N LEU B 315 -34.97 -3.55 -0.89
CA LEU B 315 -35.41 -4.66 -1.73
C LEU B 315 -34.61 -5.91 -1.42
N THR B 316 -33.30 -5.76 -1.23
CA THR B 316 -32.45 -6.92 -1.04
C THR B 316 -32.69 -7.57 0.31
N ARG B 317 -32.91 -6.77 1.35
CA ARG B 317 -33.25 -7.34 2.65
C ARG B 317 -34.47 -8.25 2.54
N ASP B 318 -35.50 -7.78 1.84
CA ASP B 318 -36.71 -8.57 1.66
C ASP B 318 -36.45 -9.83 0.84
N MET B 319 -35.69 -9.70 -0.25
CA MET B 319 -35.42 -10.85 -1.10
C MET B 319 -34.70 -11.95 -0.34
N LEU B 320 -33.70 -11.59 0.48
CA LEU B 320 -32.91 -12.59 1.20
C LEU B 320 -33.76 -13.37 2.20
N LYS B 321 -34.67 -12.70 2.89
CA LYS B 321 -35.53 -13.38 3.86
C LYS B 321 -36.41 -14.44 3.20
N SER B 322 -36.70 -14.29 1.91
CA SER B 322 -37.52 -15.25 1.19
C SER B 322 -36.75 -16.46 0.69
N THR B 323 -35.43 -16.51 0.88
CA THR B 323 -34.64 -17.67 0.55
C THR B 323 -34.68 -18.68 1.69
N PRO B 324 -34.18 -19.91 1.47
CA PRO B 324 -34.09 -20.85 2.59
C PRO B 324 -32.84 -20.69 3.43
N TRP B 325 -31.91 -19.84 3.02
CA TRP B 325 -30.66 -19.67 3.74
C TRP B 325 -30.81 -18.56 4.78
N LEU B 326 -29.73 -18.28 5.49
CA LEU B 326 -29.80 -17.40 6.65
C LEU B 326 -29.19 -16.06 6.30
N PRO B 327 -29.99 -15.01 6.10
CA PRO B 327 -29.40 -13.68 5.89
C PRO B 327 -28.83 -13.14 7.19
N VAL B 328 -27.87 -12.25 7.04
CA VAL B 328 -27.41 -11.41 8.15
C VAL B 328 -28.14 -10.09 8.04
N ASP B 329 -28.83 -9.72 9.11
CA ASP B 329 -29.62 -8.49 9.15
C ASP B 329 -28.73 -7.27 8.99
N SER B 330 -28.74 -6.68 7.80
CA SER B 330 -27.88 -5.56 7.47
C SER B 330 -28.69 -4.45 6.85
N HIS B 331 -28.38 -3.21 7.21
CA HIS B 331 -28.99 -2.03 6.58
C HIS B 331 -28.01 -1.26 5.72
N THR B 332 -26.86 -1.85 5.41
CA THR B 332 -25.86 -1.25 4.54
C THR B 332 -25.79 -2.03 3.23
N ALA B 333 -24.94 -1.57 2.32
CA ALA B 333 -24.78 -2.20 1.02
C ALA B 333 -24.26 -3.63 1.11
N VAL B 334 -23.70 -4.03 2.26
CA VAL B 334 -23.20 -5.37 2.49
C VAL B 334 -24.36 -6.25 2.92
N GLN B 335 -24.72 -7.23 2.09
CA GLN B 335 -25.87 -8.09 2.31
C GLN B 335 -25.39 -9.53 2.32
N PRO B 336 -24.94 -10.04 3.47
CA PRO B 336 -24.44 -11.40 3.54
C PRO B 336 -25.56 -12.42 3.60
N LEU B 337 -25.31 -13.58 3.00
CA LEU B 337 -26.25 -14.70 3.00
C LEU B 337 -25.50 -15.96 3.41
N ILE B 338 -25.73 -16.44 4.63
CA ILE B 338 -24.95 -17.56 5.15
C ILE B 338 -25.51 -18.85 4.56
N ILE B 339 -24.64 -19.63 3.92
CA ILE B 339 -25.03 -20.89 3.31
C ILE B 339 -24.60 -22.05 4.19
N GLY B 340 -23.52 -21.87 4.95
CA GLY B 340 -23.04 -22.89 5.86
C GLY B 340 -21.65 -23.42 5.57
N SER B 341 -21.55 -24.54 4.87
CA SER B 341 -20.27 -25.16 4.59
C SER B 341 -19.59 -24.50 3.38
N ASN B 342 -18.28 -24.72 3.25
CA ASN B 342 -17.57 -24.25 2.06
C ASN B 342 -18.19 -24.85 0.81
N GLU B 343 -18.47 -26.16 0.83
CA GLU B 343 -18.97 -26.84 -0.35
C GLU B 343 -20.33 -26.28 -0.78
N ALA B 344 -21.25 -26.11 0.17
CA ALA B 344 -22.56 -25.58 -0.17
C ALA B 344 -22.48 -24.13 -0.62
N THR B 345 -21.64 -23.33 0.04
CA THR B 345 -21.49 -21.93 -0.38
C THR B 345 -20.93 -21.84 -1.80
N LEU B 346 -19.92 -22.65 -2.10
CA LEU B 346 -19.34 -22.66 -3.44
C LEU B 346 -20.36 -23.13 -4.47
N ASP B 347 -21.18 -24.12 -4.10
CA ASP B 347 -22.20 -24.62 -5.03
CA ASP B 347 -22.21 -24.62 -5.02
C ASP B 347 -23.21 -23.53 -5.36
N VAL B 348 -23.70 -22.81 -4.35
CA VAL B 348 -24.65 -21.73 -4.60
C VAL B 348 -24.01 -20.65 -5.46
N ALA B 349 -22.77 -20.28 -5.13
CA ALA B 349 -22.06 -19.27 -5.93
C ALA B 349 -21.88 -19.74 -7.35
N ALA B 350 -21.64 -21.04 -7.55
CA ALA B 350 -21.49 -21.58 -8.89
C ALA B 350 -22.78 -21.49 -9.68
N SER B 351 -23.91 -21.78 -9.03
CA SER B 351 -25.20 -21.69 -9.69
C SER B 351 -25.49 -20.27 -10.14
N LEU B 352 -25.18 -19.29 -9.27
CA LEU B 352 -25.34 -17.89 -9.65
C LEU B 352 -24.42 -17.51 -10.80
N ASP B 353 -23.18 -18.02 -10.79
CA ASP B 353 -22.28 -17.72 -11.90
C ASP B 353 -22.83 -18.28 -13.21
N ARG B 354 -23.44 -19.46 -13.18
CA ARG B 354 -24.06 -19.99 -14.38
C ARG B 354 -25.24 -19.15 -14.84
N ALA B 355 -25.85 -18.38 -13.93
CA ALA B 355 -26.85 -17.39 -14.28
C ALA B 355 -26.24 -16.04 -14.64
N ASN B 356 -24.93 -16.01 -14.87
CA ASN B 356 -24.16 -14.81 -15.19
C ASN B 356 -24.25 -13.77 -14.08
N LEU B 357 -24.30 -14.23 -12.83
CA LEU B 357 -24.23 -13.36 -11.66
C LEU B 357 -22.97 -13.66 -10.89
N TRP B 358 -22.17 -12.63 -10.62
CA TRP B 358 -20.91 -12.78 -9.91
C TRP B 358 -21.14 -12.36 -8.46
N VAL B 359 -21.21 -13.36 -7.56
CA VAL B 359 -21.40 -13.12 -6.14
C VAL B 359 -20.30 -13.86 -5.39
N PRO B 360 -19.45 -13.18 -4.64
CA PRO B 360 -18.33 -13.84 -3.97
C PRO B 360 -18.79 -14.79 -2.87
N ALA B 361 -18.03 -15.86 -2.71
CA ALA B 361 -18.20 -16.82 -1.63
C ALA B 361 -17.10 -16.56 -0.61
N ILE B 362 -17.47 -16.31 0.64
CA ILE B 362 -16.52 -16.02 1.71
C ILE B 362 -16.38 -17.24 2.59
N ARG B 363 -15.15 -17.62 2.90
CA ARG B 363 -14.85 -18.85 3.60
C ARG B 363 -13.91 -18.57 4.77
N PRO B 364 -13.84 -19.49 5.74
CA PRO B 364 -12.80 -19.38 6.79
C PRO B 364 -11.42 -19.28 6.16
N PRO B 365 -10.49 -18.53 6.78
CA PRO B 365 -10.62 -17.90 8.10
C PRO B 365 -11.33 -16.55 8.11
N THR B 366 -11.78 -16.06 6.95
CA THR B 366 -12.40 -14.73 6.91
C THR B 366 -13.67 -14.68 7.73
N VAL B 367 -14.40 -15.79 7.83
CA VAL B 367 -15.62 -15.86 8.62
C VAL B 367 -15.55 -17.11 9.47
N PRO B 368 -16.30 -17.16 10.58
CA PRO B 368 -16.25 -18.35 11.44
C PRO B 368 -16.60 -19.61 10.68
N GLU B 369 -15.94 -20.70 11.07
CA GLU B 369 -16.17 -21.98 10.41
C GLU B 369 -17.65 -22.36 10.52
N GLY B 370 -18.20 -22.88 9.42
CA GLY B 370 -19.61 -23.20 9.35
C GLY B 370 -20.51 -22.03 9.01
N THR B 371 -19.95 -20.83 8.81
CA THR B 371 -20.73 -19.67 8.40
C THR B 371 -20.25 -19.13 7.06
N SER B 372 -19.74 -20.01 6.20
CA SER B 372 -19.40 -19.58 4.84
C SER B 372 -20.65 -18.99 4.18
N ARG B 373 -20.42 -17.97 3.35
CA ARG B 373 -21.55 -17.13 2.99
C ARG B 373 -21.27 -16.47 1.65
N LEU B 374 -22.36 -16.08 0.99
CA LEU B 374 -22.27 -15.14 -0.12
C LEU B 374 -22.15 -13.73 0.43
N ARG B 375 -21.30 -12.93 -0.19
CA ARG B 375 -21.19 -11.51 0.16
C ARG B 375 -21.80 -10.74 -1.00
N ILE B 376 -23.10 -10.48 -0.92
CA ILE B 376 -23.77 -9.65 -1.92
C ILE B 376 -23.50 -8.19 -1.55
N SER B 377 -22.70 -7.51 -2.36
CA SER B 377 -22.41 -6.10 -2.14
CA SER B 377 -22.40 -6.10 -2.15
C SER B 377 -23.17 -5.29 -3.18
N LEU B 378 -24.02 -4.38 -2.69
CA LEU B 378 -24.85 -3.55 -3.57
C LEU B 378 -24.09 -2.29 -3.98
N SER B 379 -24.49 -1.75 -5.14
CA SER B 379 -23.93 -0.52 -5.66
C SER B 379 -25.07 0.32 -6.19
N ALA B 380 -24.93 1.65 -6.06
CA ALA B 380 -25.92 2.54 -6.67
C ALA B 380 -26.01 2.33 -8.17
N ALA B 381 -25.03 1.66 -8.78
CA ALA B 381 -25.13 1.35 -10.21
C ALA B 381 -26.14 0.25 -10.49
N HIS B 382 -26.51 -0.53 -9.47
CA HIS B 382 -27.49 -1.60 -9.68
C HIS B 382 -28.88 -1.04 -9.93
N SER B 383 -29.64 -1.79 -10.72
CA SER B 383 -31.04 -1.50 -10.99
C SER B 383 -31.92 -2.47 -10.21
N HIS B 384 -33.21 -2.12 -10.10
CA HIS B 384 -34.15 -3.06 -9.51
CA HIS B 384 -34.20 -3.03 -9.54
C HIS B 384 -34.25 -4.33 -10.33
N ASN B 385 -34.06 -4.23 -11.66
CA ASN B 385 -34.05 -5.40 -12.52
C ASN B 385 -32.85 -6.30 -12.23
N ASP B 386 -31.69 -5.71 -11.91
CA ASP B 386 -30.54 -6.53 -11.53
C ASP B 386 -30.88 -7.40 -10.33
N LEU B 387 -31.55 -6.82 -9.33
CA LEU B 387 -31.93 -7.58 -8.15
C LEU B 387 -32.95 -8.66 -8.48
N GLU B 388 -33.83 -8.41 -9.45
CA GLU B 388 -34.77 -9.45 -9.87
C GLU B 388 -34.03 -10.65 -10.47
N GLN B 389 -32.99 -10.40 -11.27
CA GLN B 389 -32.22 -11.52 -11.80
C GLN B 389 -31.56 -12.29 -10.66
N LEU B 390 -31.02 -11.57 -9.67
CA LEU B 390 -30.46 -12.25 -8.50
C LEU B 390 -31.52 -13.06 -7.79
N GLU B 391 -32.72 -12.49 -7.66
CA GLU B 391 -33.82 -13.22 -7.03
C GLU B 391 -34.18 -14.48 -7.80
N HIS B 392 -34.33 -14.38 -9.12
CA HIS B 392 -34.64 -15.56 -9.93
C HIS B 392 -33.61 -16.66 -9.71
N ALA B 393 -32.33 -16.29 -9.71
CA ALA B 393 -31.27 -17.29 -9.58
C ALA B 393 -31.21 -17.88 -8.19
N LEU B 394 -31.37 -17.06 -7.14
CA LEU B 394 -31.38 -17.60 -5.79
C LEU B 394 -32.54 -18.59 -5.59
N MET B 395 -33.72 -18.25 -6.10
CA MET B 395 -34.87 -19.14 -5.89
C MET B 395 -34.76 -20.40 -6.73
N LYS B 396 -34.19 -20.28 -7.94
CA LYS B 396 -33.92 -21.48 -8.74
C LYS B 396 -32.90 -22.38 -8.07
N THR B 397 -31.87 -21.77 -7.46
CA THR B 397 -30.87 -22.54 -6.74
C THR B 397 -31.48 -23.24 -5.53
N ALA B 398 -32.38 -22.56 -4.82
CA ALA B 398 -33.05 -23.18 -3.69
C ALA B 398 -33.89 -24.38 -4.13
N GLU B 399 -34.57 -24.26 -5.26
CA GLU B 399 -35.41 -25.35 -5.78
C GLU B 399 -34.60 -26.56 -6.21
#